data_9GOZ
#
_entry.id   9GOZ
#
_cell.length_a   83.259
_cell.length_b   83.259
_cell.length_c   297.519
_cell.angle_alpha   90.00
_cell.angle_beta   90.00
_cell.angle_gamma   120.00
#
_symmetry.space_group_name_H-M   'P 65'
#
loop_
_entity.id
_entity.type
_entity.pdbx_description
1 polymer '4-allyl syringol oxidase from Streptomyces cavernae'
2 non-polymer 'FLAVIN-ADENINE DINUCLEOTIDE'
3 non-polymer 2-methoxy-4-(prop-2-en-1-yl)phenol
4 non-polymer 'HEXAETHYLENE GLYCOL'
5 non-polymer 1-ETHOXY-2-(2-ETHOXYETHOXY)ETHANE
6 non-polymer DI(HYDROXYETHYL)ETHER
7 water water
#
_entity_poly.entity_id   1
_entity_poly.type   'polypeptide(L)'
_entity_poly.pdbx_seq_one_letter_code
;MTRTLPPGVSDEDFTSALTAFRDVVGDEFVRTDEAELARFHDPYPVGDADAHLASAVISPRDTEQVQEVVRIANRYGIPL
SVISTGRNNGYGGSAPRLSGAVVVNTGERMNRILEVDEKLGYALLEPGVTYFDLHEYLEAHAPSLMIDCPDLGWGSVVGN
ALDRGAGYTPYGDHFMWQTGMEVVLPQGDVMRTGMGALPGSTTWQLIPYGFGPYPDGMFTQSNLGIVTKMGIALMQKPPA
SMTYQITFENESDLEQIVDIMLPLRINMAPLQNVPVLRNIILDAAVVSQRADWYDGDGPLPPEAIERMKKELGLGYWNFY
GTLYGPPQLIEMNYGIIKDAFGQIPGSRFQTHEERHDRGAHVLQDRHKINNGIPSLSEMKLMDWIPGAGHVGFSPISPPV
GRDAMKQFRMVRSRADEYAKDYAAQFVVGLREMHHIALLLFDTQDATARNETLALTRLLIDEAAAEGYGEYRTHNALMDQ
VMGTYNWGDGALLKFHEAIKDALDPNGIIAPGKSGVWPARYRGKGLAAALKLRVDPAANKARKEAELAAATAEQ
;
_entity_poly.pdbx_strand_id   A,B
#
# COMPACT_ATOMS: atom_id res chain seq x y z
N ARG A 3 -21.95 9.50 -37.41
CA ARG A 3 -20.51 9.45 -37.00
C ARG A 3 -20.35 9.82 -35.51
N THR A 4 -19.78 8.95 -34.69
CA THR A 4 -19.72 9.19 -33.21
C THR A 4 -18.78 10.37 -32.93
N LEU A 5 -19.27 11.40 -32.25
CA LEU A 5 -18.50 12.59 -31.81
C LEU A 5 -18.37 12.53 -30.29
N PRO A 6 -17.23 12.93 -29.70
CA PRO A 6 -17.16 13.07 -28.25
C PRO A 6 -18.11 14.16 -27.75
N PRO A 7 -18.69 14.00 -26.55
CA PRO A 7 -19.48 15.06 -25.95
C PRO A 7 -18.68 16.35 -25.73
N GLY A 8 -19.26 17.49 -26.11
CA GLY A 8 -18.68 18.82 -25.89
C GLY A 8 -17.53 19.09 -26.85
N VAL A 9 -17.49 18.35 -27.97
N VAL A 9 -17.53 18.28 -27.98
CA VAL A 9 -16.50 18.63 -29.05
CA VAL A 9 -16.55 18.54 -29.06
C VAL A 9 -17.25 18.79 -30.38
C VAL A 9 -17.30 18.71 -30.39
N SER A 10 -16.96 19.88 -31.08
CA SER A 10 -17.57 20.17 -32.41
C SER A 10 -17.03 19.18 -33.45
N ASP A 11 -17.76 18.98 -34.55
CA ASP A 11 -17.27 18.13 -35.66
C ASP A 11 -15.93 18.72 -36.14
N GLU A 12 -15.82 20.05 -36.17
CA GLU A 12 -14.59 20.76 -36.67
C GLU A 12 -13.41 20.43 -35.76
N ASP A 13 -13.59 20.61 -34.45
CA ASP A 13 -12.48 20.37 -33.50
C ASP A 13 -12.14 18.88 -33.48
N PHE A 14 -13.09 17.99 -33.68
CA PHE A 14 -12.84 16.53 -33.70
C PHE A 14 -11.99 16.22 -34.93
N THR A 15 -12.35 16.77 -36.08
CA THR A 15 -11.54 16.66 -37.31
C THR A 15 -10.10 17.13 -37.06
N SER A 16 -9.91 18.31 -36.47
CA SER A 16 -8.60 18.91 -36.20
C SER A 16 -7.81 18.02 -35.24
N ALA A 17 -8.46 17.54 -34.19
CA ALA A 17 -7.78 16.68 -33.20
C ALA A 17 -7.30 15.38 -33.84
N LEU A 18 -8.12 14.77 -34.68
CA LEU A 18 -7.76 13.50 -35.33
C LEU A 18 -6.52 13.73 -36.21
N THR A 19 -6.50 14.84 -36.95
CA THR A 19 -5.29 15.17 -37.75
C THR A 19 -4.07 15.27 -36.83
N ALA A 20 -4.21 16.01 -35.74
CA ALA A 20 -3.10 16.22 -34.79
C ALA A 20 -2.66 14.88 -34.20
N PHE A 21 -3.59 13.99 -33.88
CA PHE A 21 -3.21 12.67 -33.35
C PHE A 21 -2.43 11.91 -34.41
N ARG A 22 -2.91 11.89 -35.65
CA ARG A 22 -2.20 11.21 -36.76
C ARG A 22 -0.79 11.80 -36.94
N ASP A 23 -0.66 13.10 -36.76
CA ASP A 23 0.60 13.84 -36.94
C ASP A 23 1.65 13.39 -35.92
N VAL A 24 1.23 12.76 -34.82
CA VAL A 24 2.20 12.20 -33.85
C VAL A 24 2.33 10.70 -34.04
N VAL A 25 1.22 9.95 -33.98
CA VAL A 25 1.32 8.48 -33.83
C VAL A 25 1.41 7.76 -35.19
N GLY A 26 1.01 8.44 -36.27
CA GLY A 26 0.92 7.84 -37.62
C GLY A 26 -0.51 7.51 -37.96
N ASP A 27 -0.94 7.61 -39.21
CA ASP A 27 -2.35 7.38 -39.56
C ASP A 27 -2.76 5.94 -39.22
N GLU A 28 -1.85 4.98 -39.29
CA GLU A 28 -2.17 3.54 -39.02
C GLU A 28 -2.72 3.41 -37.58
N PHE A 29 -2.28 4.32 -36.69
CA PHE A 29 -2.52 4.14 -35.22
C PHE A 29 -3.59 5.11 -34.72
N VAL A 30 -4.35 5.70 -35.64
CA VAL A 30 -5.58 6.46 -35.37
C VAL A 30 -6.71 5.74 -36.11
N ARG A 31 -7.54 5.01 -35.36
CA ARG A 31 -8.56 4.14 -35.98
C ARG A 31 -9.93 4.76 -35.70
N THR A 32 -10.68 5.00 -36.77
CA THR A 32 -12.03 5.60 -36.71
C THR A 32 -13.01 4.77 -37.52
N ASP A 33 -12.58 3.63 -38.05
CA ASP A 33 -13.45 2.79 -38.92
C ASP A 33 -14.48 2.09 -38.04
N GLU A 34 -15.71 1.97 -38.54
CA GLU A 34 -16.82 1.28 -37.82
C GLU A 34 -16.36 -0.07 -37.29
N ALA A 35 -15.64 -0.89 -38.06
CA ALA A 35 -15.19 -2.25 -37.68
C ALA A 35 -14.20 -2.21 -36.51
N GLU A 36 -13.27 -1.27 -36.50
CA GLU A 36 -12.24 -1.20 -35.43
C GLU A 36 -12.95 -0.65 -34.18
N LEU A 37 -13.84 0.34 -34.36
CA LEU A 37 -14.58 0.88 -33.18
C LEU A 37 -15.45 -0.22 -32.55
N ALA A 38 -16.05 -1.10 -33.35
CA ALA A 38 -16.92 -2.17 -32.83
C ALA A 38 -16.11 -3.14 -31.96
N ARG A 39 -14.83 -3.33 -32.28
CA ARG A 39 -13.91 -4.23 -31.52
C ARG A 39 -13.72 -3.70 -30.09
N PHE A 40 -14.04 -2.42 -29.83
CA PHE A 40 -13.90 -1.74 -28.51
C PHE A 40 -15.26 -1.71 -27.81
N HIS A 41 -16.29 -2.29 -28.43
CA HIS A 41 -17.59 -2.45 -27.73
C HIS A 41 -17.37 -3.29 -26.48
N ASP A 42 -18.07 -2.93 -25.43
CA ASP A 42 -18.20 -3.82 -24.28
C ASP A 42 -18.76 -5.15 -24.78
N PRO A 43 -18.09 -6.29 -24.55
CA PRO A 43 -18.65 -7.55 -25.03
C PRO A 43 -19.85 -7.96 -24.17
N TYR A 44 -19.98 -7.41 -22.97
CA TYR A 44 -21.03 -7.82 -22.01
C TYR A 44 -21.84 -6.63 -21.54
N PRO A 45 -22.54 -5.97 -22.53
CA PRO A 45 -23.23 -4.76 -22.15
C PRO A 45 -24.45 -4.97 -21.26
N VAL A 46 -24.63 -4.09 -20.30
CA VAL A 46 -25.75 -4.20 -19.35
C VAL A 46 -26.30 -2.97 -19.85
N GLY A 47 -27.56 -2.85 -19.70
CA GLY A 47 -27.94 -1.65 -20.37
C GLY A 47 -28.16 -1.67 -21.81
N ASP A 48 -28.19 -0.50 -22.39
CA ASP A 48 -28.31 -0.42 -23.78
C ASP A 48 -27.04 -1.02 -24.25
N ALA A 49 -27.10 -1.68 -25.37
CA ALA A 49 -25.89 -2.22 -25.93
C ALA A 49 -25.00 -1.08 -26.50
N ASP A 50 -25.52 0.13 -26.77
CA ASP A 50 -24.76 1.31 -27.31
C ASP A 50 -24.46 2.50 -26.36
N ALA A 51 -24.39 2.26 -25.08
CA ALA A 51 -24.20 3.32 -24.09
C ALA A 51 -22.76 3.77 -23.90
N HIS A 52 -21.80 3.03 -24.35
CA HIS A 52 -20.40 3.36 -24.07
C HIS A 52 -19.58 3.16 -25.33
N LEU A 53 -19.72 4.10 -26.24
CA LEU A 53 -19.08 3.97 -27.57
C LEU A 53 -17.77 4.74 -27.58
N ALA A 54 -16.85 4.29 -28.39
CA ALA A 54 -15.61 5.05 -28.71
C ALA A 54 -15.82 5.84 -30.01
N SER A 55 -15.27 7.04 -30.06
CA SER A 55 -15.28 7.86 -31.31
C SER A 55 -14.01 7.58 -32.10
N ALA A 56 -12.93 7.15 -31.46
CA ALA A 56 -11.64 6.86 -32.13
C ALA A 56 -10.78 6.08 -31.16
N VAL A 57 -9.76 5.41 -31.70
CA VAL A 57 -8.75 4.72 -30.85
C VAL A 57 -7.39 5.20 -31.34
N ILE A 58 -6.55 5.69 -30.42
CA ILE A 58 -5.20 6.21 -30.68
C ILE A 58 -4.22 5.24 -30.03
N SER A 59 -3.19 4.80 -30.74
CA SER A 59 -2.14 3.94 -30.20
C SER A 59 -0.81 4.69 -30.21
N PRO A 60 -0.40 5.26 -29.07
CA PRO A 60 0.88 5.95 -28.96
C PRO A 60 2.04 4.97 -28.86
N ARG A 61 3.17 5.35 -29.43
CA ARG A 61 4.37 4.52 -29.47
C ARG A 61 5.04 4.37 -28.09
N ASP A 62 5.02 5.42 -27.34
CA ASP A 62 5.94 5.55 -26.21
C ASP A 62 5.46 6.71 -25.35
N THR A 63 6.16 6.92 -24.25
CA THR A 63 5.75 7.92 -23.26
C THR A 63 5.63 9.30 -23.90
N GLU A 64 6.66 9.66 -24.71
CA GLU A 64 6.64 10.99 -25.37
C GLU A 64 5.36 11.16 -26.21
N GLN A 65 4.96 10.13 -26.97
CA GLN A 65 3.73 10.25 -27.79
C GLN A 65 2.50 10.30 -26.88
N VAL A 66 2.53 9.59 -25.75
CA VAL A 66 1.40 9.71 -24.79
C VAL A 66 1.27 11.17 -24.37
N GLN A 67 2.37 11.79 -24.02
CA GLN A 67 2.36 13.21 -23.63
C GLN A 67 1.76 14.08 -24.74
N GLU A 68 2.19 13.85 -26.00
CA GLU A 68 1.74 14.71 -27.09
C GLU A 68 0.26 14.48 -27.33
N VAL A 69 -0.21 13.24 -27.28
N VAL A 69 -0.20 13.24 -27.28
CA VAL A 69 -1.67 12.98 -27.47
CA VAL A 69 -1.64 12.95 -27.44
C VAL A 69 -2.46 13.64 -26.35
C VAL A 69 -2.47 13.65 -26.35
N VAL A 70 -1.97 13.62 -25.12
CA VAL A 70 -2.68 14.31 -24.01
C VAL A 70 -2.66 15.83 -24.27
N ARG A 71 -1.53 16.40 -24.73
CA ARG A 71 -1.49 17.85 -25.04
C ARG A 71 -2.51 18.19 -26.12
N ILE A 72 -2.59 17.38 -27.16
CA ILE A 72 -3.54 17.59 -28.28
C ILE A 72 -4.96 17.58 -27.70
N ALA A 73 -5.28 16.57 -26.87
CA ALA A 73 -6.63 16.43 -26.30
C ALA A 73 -6.97 17.70 -25.50
N ASN A 74 -6.02 18.24 -24.75
CA ASN A 74 -6.16 19.50 -23.99
C ASN A 74 -6.53 20.63 -24.95
N ARG A 75 -5.81 20.74 -26.08
CA ARG A 75 -6.07 21.87 -26.99
C ARG A 75 -7.50 21.81 -27.50
N TYR A 76 -8.02 20.62 -27.83
CA TYR A 76 -9.30 20.47 -28.55
C TYR A 76 -10.45 20.04 -27.62
N GLY A 77 -10.18 19.87 -26.33
CA GLY A 77 -11.18 19.39 -25.35
C GLY A 77 -11.61 17.96 -25.63
N ILE A 78 -10.70 17.11 -26.11
CA ILE A 78 -11.08 15.71 -26.43
C ILE A 78 -10.99 14.88 -25.14
N PRO A 79 -12.08 14.21 -24.70
CA PRO A 79 -12.01 13.26 -23.60
C PRO A 79 -11.28 12.01 -24.06
N LEU A 80 -10.35 11.53 -23.24
CA LEU A 80 -9.48 10.38 -23.53
C LEU A 80 -9.72 9.30 -22.47
N SER A 81 -10.26 8.18 -22.86
CA SER A 81 -10.28 6.99 -21.97
C SER A 81 -9.02 6.18 -22.21
N VAL A 82 -8.78 5.17 -21.39
CA VAL A 82 -7.46 4.51 -21.31
C VAL A 82 -7.62 3.02 -21.15
N ILE A 83 -6.89 2.26 -21.94
CA ILE A 83 -6.75 0.80 -21.74
C ILE A 83 -5.27 0.45 -21.74
N SER A 84 -4.95 -0.72 -21.23
CA SER A 84 -3.65 -1.39 -21.43
C SER A 84 -3.91 -2.44 -22.50
N THR A 85 -4.62 -3.50 -22.15
CA THR A 85 -5.06 -4.57 -23.06
C THR A 85 -6.58 -4.52 -23.29
N GLY A 86 -7.34 -3.79 -22.45
CA GLY A 86 -8.78 -3.62 -22.69
C GLY A 86 -9.62 -4.88 -22.55
N ARG A 87 -9.24 -5.79 -21.66
CA ARG A 87 -9.96 -7.06 -21.40
C ARG A 87 -10.69 -6.94 -20.06
N ASN A 88 -11.15 -5.74 -19.69
CA ASN A 88 -11.81 -5.49 -18.39
C ASN A 88 -13.25 -5.98 -18.45
N ASN A 89 -13.40 -7.23 -18.87
CA ASN A 89 -14.74 -7.81 -19.13
C ASN A 89 -15.43 -8.07 -17.81
N GLY A 90 -16.70 -7.69 -17.72
CA GLY A 90 -17.41 -7.62 -16.43
C GLY A 90 -17.51 -6.20 -15.94
N TYR A 91 -16.63 -5.32 -16.43
CA TYR A 91 -16.54 -3.92 -15.99
C TYR A 91 -16.64 -2.92 -17.16
N GLY A 92 -16.84 -3.41 -18.38
CA GLY A 92 -17.03 -2.55 -19.54
C GLY A 92 -16.09 -2.89 -20.67
N GLY A 93 -15.16 -3.82 -20.43
CA GLY A 93 -14.16 -4.20 -21.44
C GLY A 93 -13.27 -3.05 -21.80
N SER A 94 -13.17 -2.70 -23.07
CA SER A 94 -12.30 -1.59 -23.53
C SER A 94 -13.16 -0.33 -23.73
N ALA A 95 -14.46 -0.34 -23.38
CA ALA A 95 -15.36 0.78 -23.67
C ALA A 95 -15.17 1.90 -22.67
N PRO A 96 -15.22 3.17 -23.09
CA PRO A 96 -15.10 4.30 -22.18
C PRO A 96 -16.32 4.50 -21.31
N ARG A 97 -16.11 4.99 -20.10
CA ARG A 97 -17.26 5.39 -19.27
C ARG A 97 -18.03 6.47 -20.01
N LEU A 98 -17.36 7.49 -20.50
CA LEU A 98 -18.04 8.60 -21.21
C LEU A 98 -18.23 8.18 -22.66
N SER A 99 -19.47 7.93 -23.05
CA SER A 99 -19.75 7.55 -24.45
C SER A 99 -19.25 8.64 -25.40
N GLY A 100 -18.50 8.20 -26.39
CA GLY A 100 -17.92 9.08 -27.42
C GLY A 100 -16.47 9.44 -27.13
N ALA A 101 -15.91 9.01 -26.02
CA ALA A 101 -14.49 9.32 -25.73
C ALA A 101 -13.62 8.65 -26.78
N VAL A 102 -12.42 9.21 -26.93
CA VAL A 102 -11.32 8.62 -27.71
C VAL A 102 -10.51 7.73 -26.78
N VAL A 103 -10.31 6.52 -27.19
CA VAL A 103 -9.62 5.51 -26.37
C VAL A 103 -8.13 5.62 -26.68
N VAL A 104 -7.31 5.69 -25.62
CA VAL A 104 -5.85 5.58 -25.74
C VAL A 104 -5.47 4.14 -25.50
N ASN A 105 -5.10 3.47 -26.59
CA ASN A 105 -4.70 2.06 -26.57
C ASN A 105 -3.21 1.99 -26.22
N THR A 106 -2.86 1.99 -24.94
CA THR A 106 -1.43 2.08 -24.53
C THR A 106 -0.72 0.77 -24.90
N GLY A 107 -1.42 -0.37 -24.87
CA GLY A 107 -0.78 -1.68 -24.92
C GLY A 107 -0.38 -2.13 -26.32
N GLU A 108 -0.95 -1.54 -27.36
CA GLU A 108 -0.68 -2.03 -28.72
C GLU A 108 0.81 -1.91 -29.06
N ARG A 109 1.40 -0.76 -28.77
CA ARG A 109 2.82 -0.45 -29.10
C ARG A 109 3.68 -0.47 -27.84
N MET A 110 3.14 -0.16 -26.65
CA MET A 110 3.94 -0.10 -25.42
C MET A 110 3.76 -1.45 -24.73
N ASN A 111 4.45 -2.46 -25.25
CA ASN A 111 4.18 -3.87 -24.88
C ASN A 111 5.46 -4.59 -24.49
N ARG A 112 6.47 -3.87 -24.03
CA ARG A 112 7.76 -4.49 -23.68
C ARG A 112 7.84 -4.82 -22.19
N ILE A 113 8.47 -5.94 -21.91
CA ILE A 113 9.11 -6.27 -20.61
C ILE A 113 10.44 -5.51 -20.61
N LEU A 114 10.53 -4.45 -19.81
CA LEU A 114 11.69 -3.54 -19.84
C LEU A 114 12.84 -4.07 -19.02
N GLU A 115 12.57 -4.79 -17.94
CA GLU A 115 13.61 -5.26 -17.01
C GLU A 115 13.02 -6.41 -16.20
N VAL A 116 13.79 -7.48 -16.02
CA VAL A 116 13.48 -8.51 -15.00
C VAL A 116 14.76 -8.74 -14.20
N ASP A 117 14.68 -8.55 -12.89
CA ASP A 117 15.79 -8.87 -11.95
C ASP A 117 15.38 -10.16 -11.27
N GLU A 118 16.08 -11.28 -11.55
CA GLU A 118 15.72 -12.57 -10.97
C GLU A 118 16.07 -12.62 -9.48
N LYS A 119 17.23 -12.09 -9.09
CA LYS A 119 17.71 -12.15 -7.70
C LYS A 119 16.79 -11.32 -6.79
N LEU A 120 16.43 -10.12 -7.21
CA LEU A 120 15.66 -9.20 -6.33
C LEU A 120 14.16 -9.38 -6.59
N GLY A 121 13.81 -10.15 -7.60
CA GLY A 121 12.44 -10.60 -7.82
C GLY A 121 11.52 -9.45 -8.25
N TYR A 122 11.74 -8.88 -9.41
CA TYR A 122 10.82 -7.84 -9.91
C TYR A 122 10.89 -7.76 -11.43
N ALA A 123 9.87 -7.13 -12.00
CA ALA A 123 9.85 -6.75 -13.42
C ALA A 123 9.46 -5.28 -13.53
N LEU A 124 9.94 -4.61 -14.54
CA LEU A 124 9.46 -3.29 -14.98
C LEU A 124 8.77 -3.51 -16.32
N LEU A 125 7.54 -3.08 -16.43
CA LEU A 125 6.63 -3.50 -17.52
C LEU A 125 6.01 -2.30 -18.22
N GLU A 126 5.70 -2.47 -19.51
CA GLU A 126 4.78 -1.58 -20.20
C GLU A 126 3.39 -2.18 -20.21
N PRO A 127 2.37 -1.35 -20.48
CA PRO A 127 0.98 -1.77 -20.35
C PRO A 127 0.57 -2.98 -21.22
N GLY A 128 1.18 -3.18 -22.37
CA GLY A 128 0.77 -4.24 -23.31
C GLY A 128 1.27 -5.61 -22.92
N VAL A 129 2.08 -5.77 -21.85
CA VAL A 129 2.55 -7.10 -21.43
C VAL A 129 1.37 -7.84 -20.78
N THR A 130 1.00 -8.96 -21.36
CA THR A 130 -0.09 -9.80 -20.80
C THR A 130 0.49 -10.73 -19.75
N TYR A 131 -0.36 -11.37 -18.96
CA TYR A 131 0.10 -12.40 -18.01
C TYR A 131 0.77 -13.53 -18.78
N PHE A 132 0.19 -13.92 -19.92
CA PHE A 132 0.84 -14.94 -20.76
C PHE A 132 2.24 -14.49 -21.16
N ASP A 133 2.40 -13.26 -21.62
CA ASP A 133 3.72 -12.72 -22.04
C ASP A 133 4.70 -12.85 -20.88
N LEU A 134 4.31 -12.44 -19.68
CA LEU A 134 5.27 -12.36 -18.57
C LEU A 134 5.60 -13.78 -18.16
N HIS A 135 4.62 -14.66 -18.02
CA HIS A 135 4.91 -16.08 -17.72
C HIS A 135 5.91 -16.65 -18.74
N GLU A 136 5.68 -16.45 -20.03
CA GLU A 136 6.56 -17.00 -21.10
C GLU A 136 7.97 -16.45 -20.90
N TYR A 137 8.10 -15.16 -20.62
CA TYR A 137 9.43 -14.54 -20.40
C TYR A 137 10.10 -15.15 -19.17
N LEU A 138 9.40 -15.28 -18.05
CA LEU A 138 10.02 -15.86 -16.83
C LEU A 138 10.46 -17.28 -17.10
N GLU A 139 9.63 -18.08 -17.77
CA GLU A 139 9.99 -19.50 -18.01
C GLU A 139 11.25 -19.57 -18.90
N ALA A 140 11.44 -18.63 -19.83
CA ALA A 140 12.58 -18.56 -20.78
C ALA A 140 13.82 -17.97 -20.12
N HIS A 141 13.69 -16.99 -19.21
CA HIS A 141 14.81 -16.11 -18.81
C HIS A 141 15.01 -15.98 -17.30
N ALA A 142 14.00 -16.23 -16.47
CA ALA A 142 14.08 -16.06 -15.01
C ALA A 142 13.17 -17.09 -14.33
N PRO A 143 13.44 -18.38 -14.58
CA PRO A 143 12.49 -19.44 -14.22
C PRO A 143 12.33 -19.74 -12.73
N SER A 144 13.09 -19.08 -11.84
CA SER A 144 12.91 -19.18 -10.38
C SER A 144 11.71 -18.30 -9.94
N LEU A 145 11.21 -17.45 -10.84
CA LEU A 145 10.14 -16.49 -10.49
C LEU A 145 8.80 -16.97 -11.07
N MET A 146 7.72 -16.49 -10.47
CA MET A 146 6.36 -16.75 -11.00
C MET A 146 5.56 -15.47 -10.90
N ILE A 147 4.60 -15.36 -11.81
CA ILE A 147 3.61 -14.26 -11.79
C ILE A 147 2.49 -14.61 -10.82
N ASP A 148 1.67 -13.60 -10.56
CA ASP A 148 0.37 -13.74 -9.91
C ASP A 148 -0.65 -13.31 -10.93
N CYS A 149 -1.52 -14.22 -11.35
CA CYS A 149 -2.47 -13.92 -12.45
C CYS A 149 -3.90 -14.04 -11.93
N PRO A 150 -4.80 -13.24 -12.54
CA PRO A 150 -6.22 -13.47 -12.38
C PRO A 150 -6.63 -14.75 -13.13
N ASP A 151 -7.93 -15.02 -13.15
CA ASP A 151 -8.41 -16.27 -13.77
C ASP A 151 -8.04 -16.32 -15.27
N LEU A 152 -8.01 -15.19 -15.97
CA LEU A 152 -7.79 -15.18 -17.44
C LEU A 152 -6.46 -14.50 -17.79
N GLY A 153 -5.60 -15.23 -18.49
CA GLY A 153 -4.22 -14.76 -18.67
C GLY A 153 -4.06 -13.71 -19.74
N TRP A 154 -5.09 -13.36 -20.51
CA TRP A 154 -5.01 -12.38 -21.61
C TRP A 154 -5.02 -10.94 -21.12
N GLY A 155 -5.23 -10.73 -19.83
CA GLY A 155 -5.21 -9.37 -19.26
C GLY A 155 -3.79 -8.84 -19.14
N SER A 156 -3.70 -7.60 -18.75
CA SER A 156 -2.44 -6.84 -18.63
C SER A 156 -1.98 -6.88 -17.17
N VAL A 157 -0.71 -7.22 -16.98
CA VAL A 157 -0.15 -7.13 -15.60
C VAL A 157 -0.34 -5.71 -15.06
N VAL A 158 -0.13 -4.72 -15.89
CA VAL A 158 -0.33 -3.29 -15.54
C VAL A 158 -1.82 -2.99 -15.43
N GLY A 159 -2.62 -3.19 -16.48
CA GLY A 159 -4.03 -2.73 -16.50
C GLY A 159 -4.80 -3.35 -15.34
N ASN A 160 -4.59 -4.62 -15.09
CA ASN A 160 -5.29 -5.29 -13.97
C ASN A 160 -4.88 -4.63 -12.66
N ALA A 161 -3.61 -4.42 -12.42
CA ALA A 161 -3.16 -3.74 -11.19
C ALA A 161 -3.78 -2.36 -11.09
N LEU A 162 -3.92 -1.64 -12.20
CA LEU A 162 -4.45 -0.26 -12.17
C LEU A 162 -5.96 -0.26 -11.90
N ASP A 163 -6.65 -1.40 -11.99
CA ASP A 163 -8.07 -1.47 -11.54
C ASP A 163 -8.12 -2.15 -10.16
N ARG A 164 -6.98 -2.37 -9.54
CA ARG A 164 -6.81 -3.08 -8.23
C ARG A 164 -7.45 -4.47 -8.35
N GLY A 165 -7.15 -5.12 -9.47
CA GLY A 165 -7.46 -6.53 -9.67
C GLY A 165 -6.59 -7.40 -8.81
N ALA A 166 -6.84 -8.68 -8.87
CA ALA A 166 -6.22 -9.64 -7.95
C ALA A 166 -6.16 -11.02 -8.52
N GLY A 167 -5.19 -11.77 -7.99
CA GLY A 167 -5.05 -13.22 -8.21
C GLY A 167 -4.95 -13.94 -6.90
N TYR A 168 -4.33 -15.10 -6.92
CA TYR A 168 -4.63 -16.13 -5.91
C TYR A 168 -3.39 -16.76 -5.30
N THR A 169 -2.18 -16.40 -5.77
CA THR A 169 -0.96 -16.81 -5.04
C THR A 169 -0.80 -15.91 -3.82
N PRO A 170 0.22 -16.11 -2.98
CA PRO A 170 0.47 -15.17 -1.89
C PRO A 170 0.68 -13.71 -2.33
N TYR A 171 1.00 -13.50 -3.61
CA TYR A 171 1.17 -12.16 -4.23
C TYR A 171 -0.14 -11.75 -4.92
N GLY A 172 -1.30 -12.22 -4.41
CA GLY A 172 -2.58 -11.91 -5.07
C GLY A 172 -2.99 -10.47 -5.08
N ASP A 173 -2.55 -9.64 -4.15
CA ASP A 173 -2.96 -8.21 -4.14
C ASP A 173 -2.03 -7.47 -5.13
N HIS A 174 -2.51 -7.27 -6.35
CA HIS A 174 -1.67 -6.75 -7.46
C HIS A 174 -1.16 -5.35 -7.11
N PHE A 175 -2.01 -4.50 -6.55
CA PHE A 175 -1.56 -3.11 -6.25
C PHE A 175 -0.47 -3.18 -5.18
N MET A 176 -0.63 -4.05 -4.17
CA MET A 176 0.38 -4.09 -3.11
C MET A 176 1.76 -4.36 -3.73
N TRP A 177 1.88 -5.33 -4.63
CA TRP A 177 3.18 -5.71 -5.21
C TRP A 177 3.59 -4.75 -6.34
N GLN A 178 2.68 -3.95 -6.87
CA GLN A 178 3.10 -2.84 -7.78
C GLN A 178 4.09 -1.96 -7.05
N THR A 179 5.24 -1.73 -7.72
CA THR A 179 6.35 -0.96 -7.12
C THR A 179 6.91 -0.01 -8.18
N GLY A 180 6.56 1.25 -8.09
CA GLY A 180 7.02 2.29 -9.00
C GLY A 180 6.15 2.36 -10.23
N MET A 181 5.92 3.57 -10.69
CA MET A 181 5.28 3.77 -11.99
C MET A 181 5.77 5.07 -12.63
N GLU A 182 5.64 5.11 -13.94
CA GLU A 182 5.79 6.32 -14.75
C GLU A 182 4.41 6.70 -15.25
N VAL A 183 4.01 7.95 -15.10
CA VAL A 183 2.63 8.33 -15.43
C VAL A 183 2.62 9.67 -16.10
N VAL A 184 1.85 9.78 -17.18
CA VAL A 184 1.59 11.06 -17.86
C VAL A 184 0.37 11.71 -17.20
N LEU A 185 0.55 12.88 -16.66
CA LEU A 185 -0.52 13.59 -15.92
C LEU A 185 -1.45 14.25 -16.93
N PRO A 186 -2.65 14.73 -16.53
CA PRO A 186 -3.69 15.06 -17.52
C PRO A 186 -3.40 16.27 -18.42
N GLN A 187 -2.39 17.08 -18.12
CA GLN A 187 -1.98 18.18 -19.04
C GLN A 187 -0.71 17.82 -19.81
N GLY A 188 -0.19 16.61 -19.63
CA GLY A 188 0.86 16.08 -20.51
C GLY A 188 2.22 16.02 -19.84
N ASP A 189 2.33 16.43 -18.59
CA ASP A 189 3.61 16.31 -17.83
C ASP A 189 3.82 14.85 -17.46
N VAL A 190 5.04 14.40 -17.39
CA VAL A 190 5.39 13.00 -17.04
C VAL A 190 6.15 12.97 -15.74
N MET A 191 5.82 11.99 -14.91
CA MET A 191 6.51 11.82 -13.63
C MET A 191 6.73 10.36 -13.32
N ARG A 192 7.75 10.11 -12.52
CA ARG A 192 8.00 8.79 -11.94
C ARG A 192 7.72 8.84 -10.45
N THR A 193 7.08 7.81 -9.96
CA THR A 193 6.79 7.73 -8.52
C THR A 193 7.91 7.03 -7.76
N GLY A 194 7.89 7.20 -6.46
CA GLY A 194 8.73 6.41 -5.55
C GLY A 194 10.21 6.69 -5.79
N MET A 195 11.00 5.66 -5.75
CA MET A 195 12.47 5.87 -5.83
C MET A 195 12.82 6.18 -7.27
N GLY A 196 11.92 5.98 -8.22
CA GLY A 196 12.20 6.32 -9.64
C GLY A 196 12.23 7.83 -9.89
N ALA A 197 11.76 8.64 -8.94
CA ALA A 197 11.88 10.13 -9.01
C ALA A 197 13.35 10.56 -8.76
N LEU A 198 14.18 9.69 -8.23
CA LEU A 198 15.61 9.99 -8.02
C LEU A 198 16.38 9.51 -9.23
N PRO A 199 16.94 10.45 -10.04
CA PRO A 199 17.61 10.05 -11.28
C PRO A 199 18.67 9.00 -11.02
N GLY A 200 18.62 7.95 -11.83
CA GLY A 200 19.64 6.90 -11.79
C GLY A 200 19.47 5.95 -10.62
N SER A 201 18.36 6.03 -9.90
CA SER A 201 18.16 5.11 -8.75
C SER A 201 18.11 3.67 -9.27
N THR A 202 18.50 2.79 -8.38
CA THR A 202 18.65 1.34 -8.57
C THR A 202 17.55 0.62 -7.77
N THR A 203 16.62 1.39 -7.21
CA THR A 203 15.66 0.91 -6.19
C THR A 203 14.21 1.13 -6.58
N TRP A 204 13.90 1.57 -7.78
CA TRP A 204 12.52 1.88 -8.20
C TRP A 204 11.58 0.72 -7.89
N GLN A 205 12.02 -0.51 -8.08
CA GLN A 205 11.18 -1.70 -7.94
C GLN A 205 11.40 -2.39 -6.59
N LEU A 206 12.13 -1.78 -5.69
CA LEU A 206 12.50 -2.48 -4.43
C LEU A 206 11.67 -1.99 -3.23
N ILE A 207 11.07 -0.81 -3.27
CA ILE A 207 10.19 -0.29 -2.19
C ILE A 207 9.21 0.64 -2.86
N PRO A 208 7.91 0.59 -2.53
CA PRO A 208 6.94 1.38 -3.31
C PRO A 208 6.90 2.88 -3.00
N TYR A 209 7.47 3.27 -1.87
CA TYR A 209 7.40 4.65 -1.34
C TYR A 209 8.72 5.29 -1.69
N GLY A 210 8.63 6.55 -1.98
CA GLY A 210 9.85 7.36 -2.06
C GLY A 210 9.86 8.26 -0.85
N PHE A 211 9.97 9.53 -1.15
CA PHE A 211 10.04 10.57 -0.12
C PHE A 211 8.83 11.46 -0.31
N GLY A 212 8.16 11.88 0.76
CA GLY A 212 7.00 12.75 0.62
C GLY A 212 5.73 11.92 0.45
N PRO A 213 4.63 12.59 0.10
CA PRO A 213 3.33 11.91 0.00
C PRO A 213 3.42 10.78 -1.03
N TYR A 214 2.79 9.65 -0.71
CA TYR A 214 2.86 8.42 -1.52
C TYR A 214 1.70 8.38 -2.49
N PRO A 215 1.91 8.59 -3.79
CA PRO A 215 0.79 8.87 -4.69
C PRO A 215 0.29 7.72 -5.57
N ASP A 216 1.00 6.61 -5.63
CA ASP A 216 0.69 5.55 -6.62
C ASP A 216 -0.77 5.10 -6.56
N GLY A 217 -1.32 4.99 -5.35
CA GLY A 217 -2.71 4.55 -5.21
C GLY A 217 -3.67 5.47 -5.92
N MET A 218 -3.31 6.73 -6.07
CA MET A 218 -4.21 7.75 -6.68
C MET A 218 -4.28 7.53 -8.19
N PHE A 219 -3.49 6.62 -8.76
CA PHE A 219 -3.51 6.28 -10.20
C PHE A 219 -4.20 4.94 -10.41
N THR A 220 -4.82 4.38 -9.36
CA THR A 220 -5.55 3.08 -9.50
C THR A 220 -7.05 3.40 -9.34
N GLN A 221 -7.84 2.69 -10.12
CA GLN A 221 -9.30 2.98 -10.27
C GLN A 221 -9.48 4.48 -10.43
N SER A 222 -8.72 5.03 -11.38
CA SER A 222 -8.47 6.50 -11.41
C SER A 222 -8.44 7.05 -12.83
N ASN A 223 -8.78 8.31 -12.96
CA ASN A 223 -8.64 9.08 -14.22
C ASN A 223 -7.61 10.21 -14.02
N LEU A 224 -6.60 10.01 -13.16
CA LEU A 224 -5.64 11.11 -12.88
C LEU A 224 -4.40 11.01 -13.76
N GLY A 225 -4.24 9.96 -14.54
CA GLY A 225 -3.01 9.83 -15.34
C GLY A 225 -3.05 8.66 -16.26
N ILE A 226 -2.16 8.64 -17.26
CA ILE A 226 -1.96 7.50 -18.19
C ILE A 226 -0.63 6.90 -17.82
N VAL A 227 -0.66 5.70 -17.29
CA VAL A 227 0.53 4.98 -16.85
C VAL A 227 1.24 4.44 -18.07
N THR A 228 2.57 4.60 -18.11
CA THR A 228 3.42 4.18 -19.26
C THR A 228 4.42 3.11 -18.87
N LYS A 229 4.80 3.05 -17.59
CA LYS A 229 5.62 1.95 -17.05
C LYS A 229 5.13 1.63 -15.67
N MET A 230 5.24 0.38 -15.32
CA MET A 230 4.89 -0.01 -13.94
C MET A 230 5.80 -1.14 -13.48
N GLY A 231 6.31 -1.03 -12.27
CA GLY A 231 7.05 -2.14 -11.69
C GLY A 231 6.16 -3.07 -10.92
N ILE A 232 6.56 -4.33 -10.85
CA ILE A 232 5.85 -5.26 -9.94
C ILE A 232 6.86 -6.24 -9.36
N ALA A 233 6.72 -6.52 -8.07
CA ALA A 233 7.50 -7.57 -7.42
C ALA A 233 6.98 -8.92 -7.88
N LEU A 234 7.86 -9.90 -7.94
CA LEU A 234 7.60 -11.28 -8.40
C LEU A 234 8.08 -12.25 -7.34
N MET A 235 7.21 -13.18 -6.99
CA MET A 235 7.49 -14.21 -5.97
C MET A 235 8.39 -15.29 -6.59
N GLN A 236 9.30 -15.79 -5.77
CA GLN A 236 10.05 -17.02 -6.08
C GLN A 236 9.09 -18.21 -6.08
N LYS A 237 9.21 -19.08 -7.07
CA LYS A 237 8.57 -20.41 -7.00
C LYS A 237 9.04 -21.12 -5.75
N PRO A 238 8.12 -21.75 -5.00
CA PRO A 238 8.51 -22.67 -3.93
C PRO A 238 9.04 -23.97 -4.54
N PRO A 239 9.70 -24.80 -3.71
CA PRO A 239 10.28 -26.05 -4.19
C PRO A 239 9.21 -27.07 -4.60
N ALA A 240 8.01 -26.96 -4.02
CA ALA A 240 6.87 -27.82 -4.39
C ALA A 240 5.58 -27.09 -4.08
N SER A 241 4.48 -27.58 -4.65
CA SER A 241 3.13 -27.10 -4.28
C SER A 241 2.14 -28.25 -4.42
N MET A 242 0.99 -28.08 -3.79
CA MET A 242 -0.12 -29.03 -3.94
C MET A 242 -1.40 -28.22 -3.84
N THR A 243 -2.37 -28.53 -4.69
CA THR A 243 -3.68 -27.85 -4.66
C THR A 243 -4.72 -28.90 -4.25
N TYR A 244 -5.67 -28.51 -3.42
CA TYR A 244 -6.69 -29.46 -2.89
C TYR A 244 -8.07 -28.82 -3.07
N GLN A 245 -9.02 -29.70 -3.17
CA GLN A 245 -10.47 -29.40 -3.26
C GLN A 245 -11.13 -29.94 -1.98
N ILE A 246 -11.94 -29.14 -1.30
CA ILE A 246 -12.81 -29.63 -0.21
C ILE A 246 -14.23 -29.42 -0.69
N THR A 247 -15.00 -30.49 -0.83
CA THR A 247 -16.44 -30.39 -1.18
C THR A 247 -17.21 -30.39 0.11
N PHE A 248 -18.18 -29.50 0.22
CA PHE A 248 -19.15 -29.45 1.32
C PHE A 248 -20.55 -29.68 0.73
N GLU A 249 -21.28 -30.63 1.31
CA GLU A 249 -22.58 -31.11 0.76
C GLU A 249 -23.67 -30.06 0.85
N ASN A 250 -23.74 -29.28 1.93
CA ASN A 250 -24.93 -28.47 2.31
C ASN A 250 -24.72 -26.97 2.05
N GLU A 251 -25.71 -26.32 1.48
CA GLU A 251 -25.69 -24.86 1.30
C GLU A 251 -25.47 -24.21 2.68
N SER A 252 -26.01 -24.75 3.77
CA SER A 252 -25.92 -24.14 5.11
C SER A 252 -24.51 -24.32 5.72
N ASP A 253 -23.64 -25.13 5.12
CA ASP A 253 -22.25 -25.32 5.59
C ASP A 253 -21.44 -24.02 5.43
N LEU A 254 -21.88 -23.09 4.60
CA LEU A 254 -21.13 -21.83 4.38
C LEU A 254 -20.74 -21.19 5.70
N GLU A 255 -21.64 -21.06 6.67
CA GLU A 255 -21.37 -20.38 7.94
C GLU A 255 -20.13 -20.99 8.62
N GLN A 256 -20.09 -22.30 8.75
CA GLN A 256 -18.99 -22.96 9.47
C GLN A 256 -17.73 -22.92 8.60
N ILE A 257 -17.86 -23.03 7.27
CA ILE A 257 -16.68 -23.06 6.36
C ILE A 257 -15.95 -21.73 6.61
N VAL A 258 -16.66 -20.62 6.61
CA VAL A 258 -16.04 -19.27 6.71
C VAL A 258 -15.44 -19.10 8.10
N ASP A 259 -16.12 -19.55 9.14
CA ASP A 259 -15.61 -19.38 10.52
C ASP A 259 -14.39 -20.28 10.77
N ILE A 260 -14.21 -21.38 10.06
CA ILE A 260 -13.00 -22.21 10.19
C ILE A 260 -11.89 -21.60 9.31
N MET A 261 -12.28 -21.02 8.17
CA MET A 261 -11.34 -20.47 7.16
C MET A 261 -10.57 -19.27 7.75
N LEU A 262 -11.26 -18.34 8.40
CA LEU A 262 -10.59 -17.07 8.74
C LEU A 262 -9.40 -17.34 9.66
N PRO A 263 -9.54 -18.08 10.77
CA PRO A 263 -8.39 -18.28 11.66
C PRO A 263 -7.23 -19.01 10.98
N LEU A 264 -7.50 -19.76 9.92
CA LEU A 264 -6.47 -20.51 9.17
C LEU A 264 -5.83 -19.63 8.09
N ARG A 265 -6.47 -18.50 7.76
CA ARG A 265 -5.94 -17.63 6.69
C ARG A 265 -5.28 -16.38 7.28
N ILE A 266 -5.72 -15.88 8.42
CA ILE A 266 -5.34 -14.50 8.88
C ILE A 266 -3.82 -14.41 9.12
N ASN A 267 -3.18 -15.51 9.48
CA ASN A 267 -1.69 -15.57 9.66
C ASN A 267 -1.00 -16.06 8.39
N MET A 268 -1.73 -16.22 7.28
CA MET A 268 -1.21 -16.61 5.94
C MET A 268 -0.65 -18.06 5.98
N ALA A 269 -1.06 -18.82 6.98
CA ALA A 269 -0.71 -20.24 7.16
C ALA A 269 -1.70 -20.81 8.18
N PRO A 270 -2.21 -22.03 7.98
CA PRO A 270 -1.81 -22.94 6.90
C PRO A 270 -2.45 -22.63 5.54
N LEU A 271 -3.44 -21.72 5.51
CA LEU A 271 -4.01 -21.28 4.21
C LEU A 271 -3.09 -20.25 3.55
N GLN A 272 -2.14 -20.76 2.78
CA GLN A 272 -0.97 -19.99 2.31
C GLN A 272 -1.30 -19.15 1.07
N ASN A 273 -2.26 -19.55 0.27
CA ASN A 273 -2.67 -18.77 -0.92
C ASN A 273 -4.01 -18.13 -0.58
N VAL A 274 -4.59 -17.51 -1.58
CA VAL A 274 -5.93 -16.89 -1.43
C VAL A 274 -6.97 -17.99 -1.54
N PRO A 275 -7.71 -18.31 -0.46
CA PRO A 275 -8.68 -19.38 -0.52
C PRO A 275 -9.97 -18.95 -1.23
N VAL A 276 -10.49 -19.83 -2.07
CA VAL A 276 -11.77 -19.58 -2.80
C VAL A 276 -12.80 -20.66 -2.45
N LEU A 277 -14.02 -20.24 -2.30
CA LEU A 277 -15.15 -21.14 -2.00
C LEU A 277 -16.23 -20.91 -3.07
N ARG A 278 -16.28 -21.82 -4.03
CA ARG A 278 -17.13 -21.71 -5.24
C ARG A 278 -18.40 -22.52 -5.08
N ASN A 279 -19.55 -21.96 -5.43
CA ASN A 279 -20.80 -22.73 -5.34
C ASN A 279 -20.86 -23.71 -6.50
N ILE A 280 -21.85 -24.57 -6.42
CA ILE A 280 -22.03 -25.66 -7.40
C ILE A 280 -22.16 -25.11 -8.81
N ILE A 281 -22.85 -24.01 -9.01
CA ILE A 281 -23.06 -23.54 -10.37
C ILE A 281 -21.77 -23.00 -10.96
N LEU A 282 -21.03 -22.27 -10.14
CA LEU A 282 -19.80 -21.71 -10.62
C LEU A 282 -18.84 -22.81 -11.04
N ASP A 283 -18.83 -23.90 -10.31
CA ASP A 283 -18.01 -25.01 -10.70
C ASP A 283 -18.60 -25.84 -11.86
N ALA A 284 -19.91 -26.10 -11.82
CA ALA A 284 -20.56 -26.91 -12.89
C ALA A 284 -20.46 -26.17 -14.24
N ALA A 285 -20.47 -24.84 -14.24
CA ALA A 285 -20.57 -24.03 -15.46
C ALA A 285 -19.25 -24.10 -16.25
N VAL A 286 -18.17 -24.49 -15.61
CA VAL A 286 -16.87 -24.69 -16.31
C VAL A 286 -16.90 -25.96 -17.16
N VAL A 287 -17.71 -26.96 -16.81
CA VAL A 287 -17.61 -28.30 -17.44
C VAL A 287 -18.95 -28.72 -18.07
N SER A 288 -19.92 -27.82 -18.18
CA SER A 288 -21.29 -28.17 -18.62
C SER A 288 -22.06 -26.92 -18.98
N GLN A 289 -23.19 -27.08 -19.66
CA GLN A 289 -24.08 -25.97 -20.00
C GLN A 289 -25.37 -26.12 -19.20
N ARG A 290 -26.09 -25.03 -19.02
CA ARG A 290 -27.29 -25.01 -18.13
C ARG A 290 -28.29 -26.06 -18.66
N ALA A 291 -28.43 -26.12 -19.99
CA ALA A 291 -29.43 -26.95 -20.70
C ALA A 291 -29.11 -28.44 -20.50
N ASP A 292 -27.89 -28.82 -20.09
CA ASP A 292 -27.54 -30.21 -19.73
C ASP A 292 -28.30 -30.63 -18.47
N TRP A 293 -28.69 -29.69 -17.61
CA TRP A 293 -29.33 -29.96 -16.30
C TRP A 293 -30.82 -29.60 -16.30
N TYR A 294 -31.23 -28.62 -17.09
CA TYR A 294 -32.57 -28.00 -17.00
C TYR A 294 -32.86 -27.22 -18.28
N ASP A 295 -34.00 -27.52 -18.91
CA ASP A 295 -34.48 -26.80 -20.12
C ASP A 295 -35.89 -26.30 -19.89
N GLY A 296 -36.37 -26.31 -18.65
CA GLY A 296 -37.65 -25.70 -18.26
C GLY A 296 -37.50 -24.20 -18.04
N ASP A 297 -38.53 -23.50 -17.60
CA ASP A 297 -38.35 -22.04 -17.40
C ASP A 297 -38.23 -21.79 -15.89
N GLY A 298 -37.87 -20.56 -15.55
CA GLY A 298 -37.66 -20.11 -14.16
C GLY A 298 -36.29 -20.53 -13.65
N PRO A 299 -36.08 -20.35 -12.33
CA PRO A 299 -34.82 -20.71 -11.70
C PRO A 299 -34.55 -22.22 -11.78
N LEU A 300 -33.27 -22.58 -11.71
CA LEU A 300 -32.89 -24.01 -11.64
C LEU A 300 -33.62 -24.62 -10.46
N PRO A 301 -34.36 -25.73 -10.65
CA PRO A 301 -35.01 -26.37 -9.52
C PRO A 301 -34.00 -27.03 -8.59
N PRO A 302 -34.32 -27.17 -7.29
CA PRO A 302 -33.43 -27.83 -6.34
C PRO A 302 -32.93 -29.19 -6.85
N GLU A 303 -33.80 -29.94 -7.53
CA GLU A 303 -33.43 -31.31 -7.97
C GLU A 303 -32.29 -31.25 -8.99
N ALA A 304 -32.23 -30.18 -9.81
CA ALA A 304 -31.19 -29.99 -10.86
C ALA A 304 -29.85 -29.70 -10.16
N ILE A 305 -29.91 -28.92 -9.09
CA ILE A 305 -28.71 -28.61 -8.25
C ILE A 305 -28.17 -29.92 -7.66
N GLU A 306 -29.04 -30.81 -7.17
CA GLU A 306 -28.58 -32.05 -6.51
C GLU A 306 -27.96 -32.96 -7.57
N ARG A 307 -28.56 -32.92 -8.77
CA ARG A 307 -28.06 -33.71 -9.93
C ARG A 307 -26.64 -33.27 -10.32
N MET A 308 -26.39 -31.96 -10.30
CA MET A 308 -25.03 -31.42 -10.61
C MET A 308 -24.05 -31.95 -9.56
N LYS A 309 -24.43 -31.87 -8.29
CA LYS A 309 -23.56 -32.32 -7.16
C LYS A 309 -23.24 -33.81 -7.34
N LYS A 310 -24.28 -34.61 -7.62
CA LYS A 310 -24.11 -36.08 -7.67
C LYS A 310 -23.35 -36.48 -8.95
N GLU A 311 -23.76 -35.97 -10.09
CA GLU A 311 -23.11 -36.28 -11.38
C GLU A 311 -21.64 -35.87 -11.37
N LEU A 312 -21.28 -34.70 -10.84
CA LEU A 312 -19.89 -34.19 -10.91
C LEU A 312 -19.08 -34.52 -9.65
N GLY A 313 -19.65 -35.10 -8.61
CA GLY A 313 -18.91 -35.35 -7.38
C GLY A 313 -18.51 -34.07 -6.66
N LEU A 314 -19.41 -33.12 -6.64
CA LEU A 314 -19.14 -31.82 -6.04
C LEU A 314 -20.11 -31.54 -4.92
N GLY A 315 -19.80 -30.56 -4.09
CA GLY A 315 -20.72 -30.17 -3.07
C GLY A 315 -21.43 -28.89 -3.46
N TYR A 316 -22.25 -28.39 -2.56
CA TYR A 316 -22.91 -27.10 -2.85
C TYR A 316 -21.80 -26.03 -2.84
N TRP A 317 -20.91 -26.16 -1.88
CA TRP A 317 -19.72 -25.26 -1.78
C TRP A 317 -18.47 -26.10 -2.01
N ASN A 318 -17.54 -25.56 -2.76
CA ASN A 318 -16.31 -26.23 -3.22
C ASN A 318 -15.12 -25.31 -2.92
N PHE A 319 -14.30 -25.71 -1.96
CA PHE A 319 -13.14 -24.97 -1.47
C PHE A 319 -11.90 -25.39 -2.26
N TYR A 320 -11.12 -24.42 -2.73
CA TYR A 320 -9.84 -24.70 -3.44
C TYR A 320 -8.75 -23.89 -2.76
N GLY A 321 -7.68 -24.55 -2.33
CA GLY A 321 -6.49 -23.89 -1.77
C GLY A 321 -5.24 -24.56 -2.29
N THR A 322 -4.13 -23.88 -2.18
CA THR A 322 -2.78 -24.38 -2.56
C THR A 322 -1.86 -24.22 -1.35
N LEU A 323 -0.98 -25.21 -1.21
CA LEU A 323 0.11 -25.22 -0.23
C LEU A 323 1.43 -25.22 -1.00
N TYR A 324 2.41 -24.58 -0.40
CA TYR A 324 3.76 -24.38 -0.95
C TYR A 324 4.79 -24.78 0.11
N GLY A 325 5.88 -25.31 -0.41
CA GLY A 325 7.11 -25.57 0.36
C GLY A 325 7.60 -27.00 0.15
N PRO A 326 8.53 -27.44 1.02
CA PRO A 326 8.99 -28.83 1.04
C PRO A 326 7.78 -29.73 1.26
N PRO A 327 7.82 -30.96 0.69
CA PRO A 327 6.74 -31.92 0.93
C PRO A 327 6.36 -32.11 2.40
N GLN A 328 7.31 -32.04 3.33
CA GLN A 328 7.03 -32.24 4.79
C GLN A 328 6.13 -31.10 5.31
N LEU A 329 6.38 -29.87 4.88
CA LEU A 329 5.54 -28.73 5.31
C LEU A 329 4.18 -28.84 4.64
N ILE A 330 4.13 -29.15 3.33
CA ILE A 330 2.82 -29.34 2.64
C ILE A 330 2.00 -30.39 3.41
N GLU A 331 2.61 -31.54 3.75
CA GLU A 331 1.84 -32.62 4.41
C GLU A 331 1.32 -32.13 5.75
N MET A 332 2.15 -31.40 6.50
CA MET A 332 1.82 -30.91 7.85
C MET A 332 0.64 -29.95 7.74
N ASN A 333 0.76 -28.98 6.84
CA ASN A 333 -0.29 -27.94 6.67
C ASN A 333 -1.58 -28.60 6.16
N TYR A 334 -1.49 -29.57 5.25
CA TYR A 334 -2.67 -30.26 4.70
C TYR A 334 -3.36 -30.99 5.87
N GLY A 335 -2.57 -31.57 6.78
CA GLY A 335 -3.14 -32.26 7.94
C GLY A 335 -3.93 -31.32 8.82
N ILE A 336 -3.44 -30.10 9.05
CA ILE A 336 -4.14 -29.08 9.88
C ILE A 336 -5.44 -28.70 9.17
N ILE A 337 -5.40 -28.53 7.85
CA ILE A 337 -6.56 -28.11 7.01
C ILE A 337 -7.62 -29.23 7.06
N LYS A 338 -7.19 -30.47 6.89
CA LYS A 338 -8.11 -31.62 6.89
C LYS A 338 -8.73 -31.78 8.26
N ASP A 339 -7.95 -31.66 9.34
CA ASP A 339 -8.47 -31.77 10.73
C ASP A 339 -9.49 -30.67 10.99
N ALA A 340 -9.24 -29.44 10.55
CA ALA A 340 -10.11 -28.29 10.83
C ALA A 340 -11.42 -28.38 10.02
N PHE A 341 -11.33 -28.47 8.70
CA PHE A 341 -12.56 -28.47 7.87
C PHE A 341 -13.26 -29.81 7.97
N GLY A 342 -12.53 -30.86 8.37
CA GLY A 342 -13.11 -32.22 8.47
C GLY A 342 -14.15 -32.31 9.58
N GLN A 343 -14.17 -31.31 10.45
CA GLN A 343 -15.17 -31.14 11.54
C GLN A 343 -16.56 -30.92 10.92
N ILE A 344 -16.65 -30.50 9.65
CA ILE A 344 -17.96 -30.29 8.99
C ILE A 344 -18.40 -31.62 8.38
N PRO A 345 -19.53 -32.20 8.87
CA PRO A 345 -20.02 -33.47 8.34
C PRO A 345 -20.24 -33.35 6.83
N GLY A 346 -19.78 -34.36 6.09
CA GLY A 346 -20.02 -34.51 4.65
C GLY A 346 -18.88 -33.95 3.85
N SER A 347 -17.92 -33.31 4.52
CA SER A 347 -16.75 -32.71 3.84
C SER A 347 -15.87 -33.80 3.25
N ARG A 348 -15.39 -33.61 2.02
CA ARG A 348 -14.55 -34.56 1.26
C ARG A 348 -13.35 -33.84 0.61
N PHE A 349 -12.19 -34.44 0.73
CA PHE A 349 -10.88 -33.83 0.43
C PHE A 349 -10.23 -34.61 -0.69
N GLN A 350 -9.82 -33.93 -1.74
CA GLN A 350 -9.01 -34.50 -2.84
C GLN A 350 -7.92 -33.51 -3.25
N THR A 351 -6.76 -34.05 -3.54
CA THR A 351 -5.57 -33.34 -4.00
C THR A 351 -5.59 -33.27 -5.54
N HIS A 352 -4.82 -32.36 -6.14
CA HIS A 352 -4.64 -32.31 -7.62
C HIS A 352 -3.99 -33.61 -8.16
N GLU A 353 -3.32 -34.37 -7.31
CA GLU A 353 -2.75 -35.69 -7.71
C GLU A 353 -3.82 -36.77 -7.67
N GLU A 354 -4.92 -36.59 -6.93
CA GLU A 354 -5.89 -37.68 -6.65
C GLU A 354 -7.04 -37.65 -7.67
N ARG A 355 -7.47 -36.48 -8.13
CA ARG A 355 -8.73 -36.31 -8.87
C ARG A 355 -8.51 -35.72 -10.26
N HIS A 356 -8.98 -36.40 -11.30
CA HIS A 356 -8.73 -36.01 -12.73
C HIS A 356 -9.99 -36.15 -13.58
N ASP A 357 -11.15 -36.35 -12.95
CA ASP A 357 -12.46 -36.49 -13.64
C ASP A 357 -13.03 -35.10 -13.94
N ARG A 358 -14.20 -35.06 -14.59
CA ARG A 358 -14.88 -33.83 -15.03
C ARG A 358 -15.01 -32.85 -13.86
N GLY A 359 -15.29 -33.37 -12.66
CA GLY A 359 -15.49 -32.57 -11.45
C GLY A 359 -14.17 -32.08 -10.87
N ALA A 360 -13.04 -32.38 -11.51
CA ALA A 360 -11.70 -31.91 -11.10
C ALA A 360 -11.17 -30.86 -12.07
N HIS A 361 -11.94 -30.43 -13.07
CA HIS A 361 -11.48 -29.47 -14.08
C HIS A 361 -11.09 -28.17 -13.36
N VAL A 362 -11.93 -27.73 -12.42
CA VAL A 362 -11.67 -26.47 -11.68
C VAL A 362 -10.45 -26.69 -10.79
N LEU A 363 -10.38 -27.81 -10.07
CA LEU A 363 -9.20 -28.14 -9.24
C LEU A 363 -7.93 -28.03 -10.09
N GLN A 364 -7.89 -28.61 -11.28
CA GLN A 364 -6.62 -28.62 -12.05
C GLN A 364 -6.33 -27.22 -12.58
N ASP A 365 -7.37 -26.43 -12.85
CA ASP A 365 -7.18 -25.04 -13.32
C ASP A 365 -6.70 -24.18 -12.14
N ARG A 366 -7.25 -24.38 -10.96
CA ARG A 366 -6.77 -23.59 -9.79
C ARG A 366 -5.32 -23.94 -9.52
N HIS A 367 -4.92 -25.20 -9.71
CA HIS A 367 -3.52 -25.62 -9.48
C HIS A 367 -2.59 -24.80 -10.41
N LYS A 368 -3.03 -24.50 -11.63
CA LYS A 368 -2.24 -23.68 -12.58
C LYS A 368 -2.20 -22.25 -12.04
N ILE A 369 -3.36 -21.65 -11.83
CA ILE A 369 -3.51 -20.22 -11.46
C ILE A 369 -2.76 -19.98 -10.15
N ASN A 370 -2.89 -20.87 -9.19
CA ASN A 370 -2.29 -20.70 -7.84
C ASN A 370 -0.76 -20.90 -7.92
N ASN A 371 -0.25 -21.34 -9.07
CA ASN A 371 1.23 -21.47 -9.28
C ASN A 371 1.69 -20.50 -10.35
N GLY A 372 0.91 -19.46 -10.65
CA GLY A 372 1.26 -18.43 -11.63
C GLY A 372 1.41 -18.97 -13.02
N ILE A 373 0.63 -20.01 -13.34
CA ILE A 373 0.52 -20.53 -14.72
C ILE A 373 -0.79 -20.02 -15.27
N PRO A 374 -0.74 -19.05 -16.19
CA PRO A 374 -1.95 -18.41 -16.67
C PRO A 374 -2.73 -19.37 -17.57
N SER A 375 -4.00 -19.09 -17.69
CA SER A 375 -4.99 -20.02 -18.27
C SER A 375 -6.15 -19.23 -18.86
N LEU A 376 -6.89 -19.86 -19.79
CA LEU A 376 -8.17 -19.30 -20.28
C LEU A 376 -9.28 -20.33 -20.04
N SER A 377 -9.03 -21.36 -19.24
CA SER A 377 -10.04 -22.42 -19.01
C SER A 377 -11.34 -21.82 -18.46
N GLU A 378 -11.27 -20.82 -17.61
CA GLU A 378 -12.46 -20.21 -17.01
C GLU A 378 -13.40 -19.54 -18.03
N MET A 379 -12.91 -19.22 -19.19
CA MET A 379 -13.84 -18.71 -20.23
C MET A 379 -14.94 -19.73 -20.57
N LYS A 380 -14.79 -21.00 -20.19
CA LYS A 380 -15.84 -21.99 -20.47
C LYS A 380 -17.09 -21.68 -19.63
N LEU A 381 -16.98 -20.91 -18.56
CA LEU A 381 -18.16 -20.35 -17.83
C LEU A 381 -19.10 -19.66 -18.82
N MET A 382 -18.55 -18.99 -19.83
CA MET A 382 -19.35 -18.10 -20.68
C MET A 382 -20.10 -18.90 -21.77
N ASP A 383 -19.98 -20.24 -21.74
CA ASP A 383 -20.78 -21.18 -22.56
C ASP A 383 -22.01 -21.66 -21.75
N TRP A 384 -22.20 -21.25 -20.51
CA TRP A 384 -23.33 -21.75 -19.68
C TRP A 384 -24.68 -21.57 -20.35
N ILE A 385 -24.88 -20.43 -20.98
CA ILE A 385 -26.11 -20.16 -21.72
C ILE A 385 -25.70 -19.44 -22.97
N PRO A 386 -26.55 -19.49 -23.99
CA PRO A 386 -26.24 -18.73 -25.19
C PRO A 386 -26.16 -17.24 -24.96
N GLY A 387 -25.16 -16.62 -25.58
CA GLY A 387 -24.98 -15.19 -25.48
C GLY A 387 -24.48 -14.72 -24.15
N ALA A 388 -23.95 -15.60 -23.34
CA ALA A 388 -23.61 -15.23 -22.00
C ALA A 388 -22.62 -14.10 -21.80
N GLY A 389 -22.99 -13.16 -20.95
CA GLY A 389 -22.09 -12.12 -20.54
C GLY A 389 -22.17 -12.10 -19.03
N HIS A 390 -21.24 -11.45 -18.36
CA HIS A 390 -21.33 -11.25 -16.90
C HIS A 390 -21.04 -9.79 -16.58
N VAL A 391 -21.55 -9.35 -15.44
CA VAL A 391 -21.23 -8.03 -14.85
C VAL A 391 -20.76 -8.30 -13.42
N GLY A 392 -19.66 -7.66 -13.06
CA GLY A 392 -19.00 -7.86 -11.76
C GLY A 392 -19.89 -7.38 -10.62
N PHE A 393 -20.00 -8.19 -9.58
CA PHE A 393 -20.58 -7.77 -8.29
C PHE A 393 -19.74 -8.44 -7.23
N SER A 394 -19.14 -7.67 -6.33
CA SER A 394 -18.08 -8.24 -5.48
C SER A 394 -17.90 -7.42 -4.21
N PRO A 395 -18.94 -7.24 -3.37
CA PRO A 395 -18.82 -6.41 -2.20
C PRO A 395 -17.93 -7.09 -1.15
N ILE A 396 -17.41 -6.23 -0.28
CA ILE A 396 -16.49 -6.60 0.83
C ILE A 396 -17.29 -6.69 2.12
N SER A 397 -17.01 -7.72 2.89
CA SER A 397 -17.67 -7.98 4.17
C SER A 397 -16.66 -8.51 5.16
N PRO A 398 -17.04 -8.57 6.45
CA PRO A 398 -16.21 -9.27 7.40
C PRO A 398 -16.22 -10.76 7.07
N PRO A 399 -15.09 -11.47 7.24
CA PRO A 399 -14.95 -12.89 6.97
C PRO A 399 -15.53 -13.69 8.15
N VAL A 400 -16.83 -13.59 8.28
CA VAL A 400 -17.62 -14.12 9.42
C VAL A 400 -18.78 -14.89 8.79
N GLY A 401 -19.02 -16.10 9.28
CA GLY A 401 -20.00 -17.01 8.68
C GLY A 401 -21.38 -16.39 8.68
N ARG A 402 -21.78 -15.67 9.71
CA ARG A 402 -23.11 -15.00 9.72
C ARG A 402 -23.21 -13.97 8.59
N ASP A 403 -22.16 -13.20 8.33
CA ASP A 403 -22.18 -12.26 7.19
C ASP A 403 -22.24 -13.02 5.89
N ALA A 404 -21.51 -14.12 5.75
CA ALA A 404 -21.54 -14.93 4.50
C ALA A 404 -22.98 -15.41 4.28
N MET A 405 -23.60 -16.02 5.30
CA MET A 405 -24.96 -16.58 5.10
C MET A 405 -25.94 -15.45 4.71
N LYS A 406 -25.86 -14.30 5.34
CA LYS A 406 -26.78 -13.17 5.06
C LYS A 406 -26.61 -12.81 3.59
N GLN A 407 -25.37 -12.70 3.13
CA GLN A 407 -25.13 -12.30 1.72
C GLN A 407 -25.55 -13.39 0.75
N PHE A 408 -25.19 -14.64 1.00
CA PHE A 408 -25.63 -15.78 0.17
C PHE A 408 -27.15 -15.70 -0.04
N ARG A 409 -27.88 -15.57 1.06
CA ARG A 409 -29.36 -15.62 0.99
C ARG A 409 -29.86 -14.37 0.26
N MET A 410 -29.40 -13.17 0.60
CA MET A 410 -29.90 -11.87 0.02
C MET A 410 -29.68 -11.87 -1.49
N VAL A 411 -28.49 -12.27 -1.90
CA VAL A 411 -28.10 -12.17 -3.33
C VAL A 411 -28.84 -13.25 -4.09
N ARG A 412 -28.81 -14.49 -3.60
CA ARG A 412 -29.50 -15.58 -4.32
C ARG A 412 -30.99 -15.25 -4.48
N SER A 413 -31.62 -14.72 -3.45
CA SER A 413 -33.09 -14.52 -3.51
C SER A 413 -33.38 -13.42 -4.56
N ARG A 414 -32.57 -12.39 -4.65
CA ARG A 414 -32.76 -11.35 -5.71
C ARG A 414 -32.43 -11.91 -7.07
N ALA A 415 -31.39 -12.72 -7.18
CA ALA A 415 -31.01 -13.35 -8.47
C ALA A 415 -32.21 -14.16 -8.97
N ASP A 416 -32.83 -14.97 -8.11
CA ASP A 416 -34.01 -15.80 -8.50
C ASP A 416 -35.11 -14.86 -9.00
N GLU A 417 -35.38 -13.78 -8.29
CA GLU A 417 -36.45 -12.81 -8.64
C GLU A 417 -36.17 -12.22 -10.02
N TYR A 418 -34.89 -11.93 -10.34
CA TYR A 418 -34.49 -11.24 -11.60
C TYR A 418 -34.10 -12.24 -12.69
N ALA A 419 -34.39 -13.52 -12.48
CA ALA A 419 -34.22 -14.62 -13.45
C ALA A 419 -32.75 -14.77 -13.83
N LYS A 420 -31.86 -14.71 -12.85
CA LYS A 420 -30.40 -14.96 -13.05
C LYS A 420 -29.97 -16.09 -12.13
N ASP A 421 -29.14 -17.01 -12.65
CA ASP A 421 -28.60 -18.12 -11.83
C ASP A 421 -27.65 -17.55 -10.77
N TYR A 422 -27.70 -18.12 -9.58
CA TYR A 422 -26.79 -17.74 -8.48
C TYR A 422 -25.53 -18.61 -8.63
N ALA A 423 -24.49 -18.03 -9.24
CA ALA A 423 -23.14 -18.58 -9.42
C ALA A 423 -22.22 -17.61 -8.69
N ALA A 424 -21.59 -18.05 -7.61
CA ALA A 424 -20.84 -17.13 -6.75
C ALA A 424 -19.75 -17.88 -6.02
N GLN A 425 -18.81 -17.09 -5.52
CA GLN A 425 -17.77 -17.60 -4.62
C GLN A 425 -17.54 -16.59 -3.51
N PHE A 426 -17.14 -17.12 -2.38
CA PHE A 426 -16.59 -16.33 -1.26
C PHE A 426 -15.09 -16.50 -1.27
N VAL A 427 -14.41 -15.37 -1.13
CA VAL A 427 -12.94 -15.30 -1.16
C VAL A 427 -12.51 -14.51 0.05
N VAL A 428 -11.55 -15.03 0.80
CA VAL A 428 -10.90 -14.25 1.89
C VAL A 428 -9.50 -13.84 1.42
N GLY A 429 -9.23 -12.53 1.40
CA GLY A 429 -7.88 -12.05 1.03
C GLY A 429 -6.95 -12.24 2.20
N LEU A 430 -7.19 -11.54 3.30
CA LEU A 430 -6.47 -11.74 4.57
C LEU A 430 -7.46 -11.60 5.71
N ARG A 431 -7.99 -10.39 5.92
CA ARG A 431 -8.97 -10.10 6.97
C ARG A 431 -10.32 -9.72 6.36
N GLU A 432 -10.42 -9.73 5.05
CA GLU A 432 -11.61 -9.19 4.34
C GLU A 432 -12.20 -10.31 3.49
N MET A 433 -13.52 -10.31 3.35
CA MET A 433 -14.21 -11.31 2.50
C MET A 433 -14.84 -10.62 1.29
N HIS A 434 -14.74 -11.28 0.17
CA HIS A 434 -15.38 -10.86 -1.10
C HIS A 434 -16.48 -11.87 -1.42
N HIS A 435 -17.64 -11.38 -1.83
CA HIS A 435 -18.73 -12.21 -2.35
C HIS A 435 -18.80 -11.92 -3.84
N ILE A 436 -18.19 -12.79 -4.65
CA ILE A 436 -18.00 -12.47 -6.08
C ILE A 436 -19.09 -13.27 -6.81
N ALA A 437 -20.11 -12.59 -7.28
CA ALA A 437 -21.25 -13.23 -7.95
C ALA A 437 -21.07 -13.05 -9.44
N LEU A 438 -21.11 -14.16 -10.17
CA LEU A 438 -21.02 -14.17 -11.63
C LEU A 438 -22.45 -14.13 -12.14
N LEU A 439 -22.90 -12.91 -12.45
CA LEU A 439 -24.29 -12.61 -12.88
C LEU A 439 -24.35 -12.84 -14.39
N LEU A 440 -24.76 -14.05 -14.81
CA LEU A 440 -24.72 -14.45 -16.24
C LEU A 440 -26.04 -14.05 -16.89
N PHE A 441 -25.94 -13.46 -18.06
CA PHE A 441 -27.14 -12.98 -18.79
C PHE A 441 -26.93 -13.10 -20.27
N ASP A 442 -28.04 -13.15 -20.99
CA ASP A 442 -28.02 -13.18 -22.47
C ASP A 442 -27.78 -11.78 -23.01
N THR A 443 -26.57 -11.48 -23.46
CA THR A 443 -26.17 -10.16 -24.00
C THR A 443 -27.01 -9.75 -25.22
N GLN A 444 -27.65 -10.70 -25.89
CA GLN A 444 -28.40 -10.46 -27.14
C GLN A 444 -29.85 -10.08 -26.84
N ASP A 445 -30.28 -10.14 -25.58
CA ASP A 445 -31.70 -9.94 -25.17
C ASP A 445 -31.80 -8.61 -24.41
N ALA A 446 -32.44 -7.60 -24.99
CA ALA A 446 -32.59 -6.27 -24.35
C ALA A 446 -33.21 -6.44 -22.94
N THR A 447 -34.17 -7.34 -22.77
CA THR A 447 -34.82 -7.51 -21.45
C THR A 447 -33.79 -8.06 -20.46
N ALA A 448 -33.03 -9.09 -20.86
CA ALA A 448 -31.98 -9.69 -20.02
C ALA A 448 -30.93 -8.63 -19.64
N ARG A 449 -30.53 -7.75 -20.56
CA ARG A 449 -29.55 -6.69 -20.25
C ARG A 449 -30.13 -5.76 -19.19
N ASN A 450 -31.36 -5.28 -19.39
CA ASN A 450 -32.02 -4.35 -18.44
C ASN A 450 -32.25 -5.04 -17.09
N GLU A 451 -32.66 -6.31 -17.10
CA GLU A 451 -32.86 -7.08 -15.83
C GLU A 451 -31.54 -7.07 -15.06
N THR A 452 -30.45 -7.37 -15.77
CA THR A 452 -29.13 -7.53 -15.13
C THR A 452 -28.70 -6.20 -14.53
N LEU A 453 -28.89 -5.10 -15.23
CA LEU A 453 -28.53 -3.77 -14.68
C LEU A 453 -29.39 -3.54 -13.45
N ALA A 454 -30.72 -3.73 -13.56
CA ALA A 454 -31.62 -3.46 -12.42
C ALA A 454 -31.26 -4.35 -11.23
N LEU A 455 -30.95 -5.62 -11.49
CA LEU A 455 -30.57 -6.55 -10.40
C LEU A 455 -29.32 -5.99 -9.73
N THR A 456 -28.32 -5.64 -10.53
CA THR A 456 -27.03 -5.30 -9.92
C THR A 456 -27.19 -4.00 -9.13
N ARG A 457 -27.97 -3.03 -9.62
CA ARG A 457 -28.21 -1.78 -8.86
C ARG A 457 -28.84 -2.12 -7.49
N LEU A 458 -29.79 -3.05 -7.53
CA LEU A 458 -30.47 -3.46 -6.28
C LEU A 458 -29.51 -4.18 -5.35
N LEU A 459 -28.70 -5.09 -5.88
CA LEU A 459 -27.72 -5.84 -5.07
C LEU A 459 -26.75 -4.83 -4.42
N ILE A 460 -26.29 -3.82 -5.16
CA ILE A 460 -25.35 -2.82 -4.59
C ILE A 460 -26.03 -2.05 -3.45
N ASP A 461 -27.26 -1.59 -3.65
CA ASP A 461 -27.96 -0.78 -2.64
C ASP A 461 -28.22 -1.68 -1.41
N GLU A 462 -28.65 -2.91 -1.60
CA GLU A 462 -29.00 -3.75 -0.42
C GLU A 462 -27.69 -4.10 0.33
N ALA A 463 -26.61 -4.37 -0.40
CA ALA A 463 -25.31 -4.69 0.22
C ALA A 463 -24.84 -3.48 1.01
N ALA A 464 -24.93 -2.30 0.43
CA ALA A 464 -24.44 -1.05 1.07
C ALA A 464 -25.22 -0.84 2.36
N ALA A 465 -26.51 -1.12 2.34
CA ALA A 465 -27.36 -0.91 3.55
C ALA A 465 -26.91 -1.82 4.69
N GLU A 466 -26.31 -2.98 4.36
CA GLU A 466 -25.78 -3.92 5.39
C GLU A 466 -24.34 -3.61 5.77
N GLY A 467 -23.73 -2.63 5.11
CA GLY A 467 -22.38 -2.20 5.44
C GLY A 467 -21.35 -2.83 4.54
N TYR A 468 -21.76 -3.38 3.40
CA TYR A 468 -20.88 -4.09 2.44
C TYR A 468 -20.74 -3.28 1.15
N GLY A 469 -19.60 -2.63 1.00
CA GLY A 469 -19.25 -1.74 -0.12
C GLY A 469 -18.70 -2.56 -1.28
N GLU A 470 -19.02 -2.14 -2.47
CA GLU A 470 -18.44 -2.69 -3.71
C GLU A 470 -17.02 -2.15 -3.88
N TYR A 471 -16.15 -3.05 -4.31
CA TYR A 471 -14.69 -2.87 -4.43
C TYR A 471 -14.35 -2.39 -5.84
N ARG A 472 -15.14 -2.76 -6.83
CA ARG A 472 -14.81 -2.57 -8.25
C ARG A 472 -16.10 -2.74 -9.03
N THR A 473 -16.33 -1.93 -10.04
CA THR A 473 -17.62 -1.98 -10.76
C THR A 473 -17.50 -1.58 -12.22
N HIS A 474 -18.57 -1.91 -12.92
CA HIS A 474 -18.76 -1.57 -14.35
C HIS A 474 -19.00 -0.08 -14.58
N ASN A 475 -18.64 0.40 -15.77
CA ASN A 475 -18.95 1.76 -16.27
C ASN A 475 -20.38 2.19 -15.84
N ALA A 476 -21.35 1.32 -16.12
CA ALA A 476 -22.78 1.67 -15.95
C ALA A 476 -23.14 1.86 -14.47
N LEU A 477 -22.31 1.38 -13.56
CA LEU A 477 -22.60 1.38 -12.12
C LEU A 477 -21.67 2.32 -11.36
N MET A 478 -20.71 2.97 -12.02
CA MET A 478 -19.70 3.75 -11.29
C MET A 478 -20.30 4.92 -10.50
N ASP A 479 -21.26 5.65 -11.06
CA ASP A 479 -21.86 6.79 -10.35
C ASP A 479 -22.60 6.26 -9.11
N GLN A 480 -23.32 5.16 -9.28
CA GLN A 480 -24.07 4.60 -8.13
C GLN A 480 -23.07 4.17 -7.04
N VAL A 481 -22.05 3.44 -7.42
CA VAL A 481 -21.13 2.88 -6.40
C VAL A 481 -20.42 4.03 -5.71
N MET A 482 -19.86 4.99 -6.43
CA MET A 482 -19.25 6.11 -5.70
C MET A 482 -20.28 6.84 -4.83
N GLY A 483 -21.55 6.87 -5.26
CA GLY A 483 -22.63 7.47 -4.50
C GLY A 483 -22.83 6.75 -3.16
N THR A 484 -22.45 5.49 -3.03
CA THR A 484 -22.63 4.74 -1.74
C THR A 484 -21.57 5.19 -0.76
N TYR A 485 -20.43 5.67 -1.24
CA TYR A 485 -19.28 6.05 -0.37
C TYR A 485 -19.38 7.50 0.03
N ASN A 486 -20.56 7.92 0.54
CA ASN A 486 -20.93 9.35 0.66
C ASN A 486 -20.92 9.82 2.12
N TRP A 487 -20.12 9.20 2.97
CA TRP A 487 -19.89 9.72 4.33
C TRP A 487 -19.53 11.20 4.25
N GLY A 488 -19.94 11.99 5.21
CA GLY A 488 -19.57 13.40 5.25
C GLY A 488 -20.20 14.18 4.09
N ASP A 489 -21.43 13.89 3.71
CA ASP A 489 -22.13 14.62 2.62
C ASP A 489 -21.30 14.48 1.33
N GLY A 490 -20.82 13.28 1.03
CA GLY A 490 -20.06 13.05 -0.23
C GLY A 490 -18.65 13.60 -0.17
N ALA A 491 -17.97 13.54 0.97
CA ALA A 491 -16.65 14.14 1.19
C ALA A 491 -15.65 13.46 0.28
N LEU A 492 -15.71 12.15 0.13
CA LEU A 492 -14.64 11.45 -0.64
C LEU A 492 -14.69 11.93 -2.10
N LEU A 493 -15.85 11.97 -2.67
CA LEU A 493 -16.04 12.41 -4.06
C LEU A 493 -15.61 13.87 -4.20
N LYS A 494 -15.94 14.71 -3.23
CA LYS A 494 -15.54 16.13 -3.36
C LYS A 494 -14.02 16.24 -3.30
N PHE A 495 -13.36 15.44 -2.51
CA PHE A 495 -11.89 15.40 -2.45
C PHE A 495 -11.40 14.98 -3.84
N HIS A 496 -11.91 13.89 -4.38
CA HIS A 496 -11.46 13.40 -5.71
C HIS A 496 -11.67 14.48 -6.77
N GLU A 497 -12.76 15.21 -6.68
CA GLU A 497 -13.13 16.23 -7.70
C GLU A 497 -12.13 17.37 -7.60
N ALA A 498 -11.77 17.77 -6.39
CA ALA A 498 -10.83 18.87 -6.16
C ALA A 498 -9.51 18.49 -6.83
N ILE A 499 -9.06 17.28 -6.63
CA ILE A 499 -7.75 16.85 -7.18
C ILE A 499 -7.91 16.73 -8.70
N LYS A 500 -9.01 16.17 -9.15
CA LYS A 500 -9.23 15.97 -10.60
C LYS A 500 -9.21 17.34 -11.31
N ASP A 501 -9.94 18.32 -10.82
CA ASP A 501 -10.00 19.63 -11.52
C ASP A 501 -8.63 20.33 -11.44
N ALA A 502 -7.85 20.10 -10.40
CA ALA A 502 -6.53 20.76 -10.27
C ALA A 502 -5.57 20.15 -11.31
N LEU A 503 -5.52 18.84 -11.41
CA LEU A 503 -4.59 18.11 -12.30
C LEU A 503 -5.09 18.18 -13.74
N ASP A 504 -6.39 18.29 -13.94
CA ASP A 504 -7.07 18.14 -15.25
C ASP A 504 -8.06 19.28 -15.42
N PRO A 505 -7.56 20.54 -15.51
CA PRO A 505 -8.45 21.71 -15.62
C PRO A 505 -9.32 21.71 -16.89
N ASN A 506 -8.89 21.01 -17.94
CA ASN A 506 -9.63 20.90 -19.23
C ASN A 506 -10.52 19.66 -19.23
N GLY A 507 -10.47 18.84 -18.18
CA GLY A 507 -11.43 17.72 -18.06
C GLY A 507 -11.24 16.70 -19.18
N ILE A 508 -10.02 16.22 -19.35
CA ILE A 508 -9.63 15.30 -20.46
C ILE A 508 -9.68 13.82 -20.10
N ILE A 509 -9.05 13.42 -19.00
CA ILE A 509 -8.76 11.97 -18.81
C ILE A 509 -9.98 11.22 -18.24
N ALA A 510 -10.35 10.14 -18.91
CA ALA A 510 -11.41 9.14 -18.58
C ALA A 510 -12.48 9.75 -17.70
N PRO A 511 -13.23 10.75 -18.19
CA PRO A 511 -14.19 11.44 -17.34
C PRO A 511 -15.20 10.42 -16.83
N GLY A 512 -15.54 10.53 -15.55
CA GLY A 512 -16.55 9.67 -14.93
C GLY A 512 -16.00 8.36 -14.39
N LYS A 513 -14.74 8.02 -14.61
CA LYS A 513 -14.13 6.82 -14.03
C LYS A 513 -14.35 6.90 -12.51
N SER A 514 -14.83 5.81 -11.92
CA SER A 514 -15.06 5.71 -10.46
C SER A 514 -16.05 6.79 -9.98
N GLY A 515 -16.86 7.34 -10.89
CA GLY A 515 -17.81 8.40 -10.49
C GLY A 515 -17.19 9.76 -10.36
N VAL A 516 -15.94 9.95 -10.80
CA VAL A 516 -15.23 11.26 -10.70
C VAL A 516 -15.28 11.98 -12.04
N TRP A 517 -16.08 13.01 -12.05
CA TRP A 517 -16.27 13.84 -13.27
C TRP A 517 -15.52 15.13 -13.10
N PRO A 518 -14.77 15.54 -14.15
CA PRO A 518 -14.22 16.88 -14.13
C PRO A 518 -15.38 17.87 -14.31
N ALA A 519 -15.13 19.14 -13.95
CA ALA A 519 -16.16 20.19 -13.86
C ALA A 519 -16.98 20.27 -15.14
N ARG A 520 -16.35 20.19 -16.32
CA ARG A 520 -17.12 20.48 -17.56
C ARG A 520 -18.17 19.40 -17.84
N TYR A 521 -18.04 18.18 -17.28
CA TYR A 521 -18.96 17.06 -17.54
C TYR A 521 -19.78 16.69 -16.32
N ARG A 522 -19.54 17.34 -15.19
CA ARG A 522 -20.15 16.93 -13.91
C ARG A 522 -21.61 17.37 -13.93
N GLY A 523 -22.51 16.50 -13.49
CA GLY A 523 -23.93 16.87 -13.32
C GLY A 523 -24.64 17.00 -14.65
N LYS A 524 -24.11 16.44 -15.73
CA LYS A 524 -24.75 16.49 -17.06
C LYS A 524 -25.53 15.21 -17.35
N GLY A 525 -25.61 14.28 -16.41
CA GLY A 525 -26.18 12.95 -16.65
C GLY A 525 -25.44 12.24 -17.77
N LEU A 526 -24.13 12.59 -17.89
CA LEU A 526 -23.10 12.28 -18.95
C LEU A 526 -22.92 13.37 -20.03
N ARG B 3 7.78 38.62 20.79
CA ARG B 3 6.69 37.57 20.74
C ARG B 3 6.68 36.91 19.35
N THR B 4 6.85 35.59 19.27
CA THR B 4 6.92 34.85 17.98
C THR B 4 5.56 34.99 17.26
N LEU B 5 5.61 35.52 16.03
CA LEU B 5 4.47 35.62 15.09
C LEU B 5 4.68 34.62 13.97
N PRO B 6 3.60 34.01 13.43
CA PRO B 6 3.75 33.23 12.19
C PRO B 6 4.14 34.13 11.03
N PRO B 7 4.96 33.63 10.07
CA PRO B 7 5.26 34.35 8.84
C PRO B 7 4.03 34.73 8.02
N GLY B 8 3.95 36.00 7.60
CA GLY B 8 2.82 36.53 6.82
C GLY B 8 1.52 36.65 7.61
N VAL B 9 1.59 36.76 8.93
CA VAL B 9 0.41 37.09 9.76
C VAL B 9 0.73 38.32 10.63
N SER B 10 -0.17 39.29 10.60
CA SER B 10 -0.09 40.52 11.43
C SER B 10 -0.29 40.15 12.91
N ASP B 11 0.24 40.97 13.81
CA ASP B 11 0.00 40.77 15.26
C ASP B 11 -1.51 40.79 15.51
N GLU B 12 -2.23 41.64 14.76
CA GLU B 12 -3.70 41.85 14.84
C GLU B 12 -4.41 40.53 14.52
N ASP B 13 -4.11 39.96 13.35
CA ASP B 13 -4.77 38.72 12.88
C ASP B 13 -4.37 37.56 13.81
N PHE B 14 -3.16 37.55 14.32
CA PHE B 14 -2.70 36.48 15.24
C PHE B 14 -3.51 36.57 16.54
N THR B 15 -3.73 37.79 17.03
CA THR B 15 -4.53 38.04 18.25
C THR B 15 -5.95 37.52 18.03
N SER B 16 -6.57 37.87 16.88
CA SER B 16 -7.94 37.49 16.53
C SER B 16 -8.04 35.97 16.47
N ALA B 17 -7.05 35.31 15.87
CA ALA B 17 -7.07 33.85 15.67
C ALA B 17 -6.94 33.15 17.03
N LEU B 18 -6.04 33.62 17.90
CA LEU B 18 -5.86 33.00 19.23
C LEU B 18 -7.18 33.08 20.01
N THR B 19 -7.89 34.21 19.93
CA THR B 19 -9.19 34.38 20.61
C THR B 19 -10.17 33.33 20.08
N ALA B 20 -10.25 33.22 18.76
CA ALA B 20 -11.18 32.27 18.09
C ALA B 20 -10.80 30.85 18.50
N PHE B 21 -9.50 30.53 18.52
CA PHE B 21 -9.05 29.17 18.94
C PHE B 21 -9.49 28.91 20.38
N ARG B 22 -9.35 29.88 21.29
CA ARG B 22 -9.78 29.71 22.71
C ARG B 22 -11.28 29.42 22.77
N ASP B 23 -12.08 30.13 21.97
CA ASP B 23 -13.54 29.94 21.89
C ASP B 23 -13.86 28.49 21.52
N VAL B 24 -12.98 27.84 20.74
CA VAL B 24 -13.24 26.44 20.28
C VAL B 24 -12.73 25.43 21.32
N VAL B 25 -11.46 25.49 21.70
CA VAL B 25 -10.81 24.39 22.45
C VAL B 25 -10.79 24.65 23.95
N GLY B 26 -10.96 25.91 24.36
CA GLY B 26 -10.90 26.33 25.78
C GLY B 26 -9.58 27.03 26.06
N ASP B 27 -9.56 27.98 27.01
CA ASP B 27 -8.35 28.80 27.25
C ASP B 27 -7.18 27.90 27.64
N GLU B 28 -7.45 26.84 28.40
CA GLU B 28 -6.41 25.93 28.92
C GLU B 28 -5.63 25.29 27.75
N PHE B 29 -6.27 25.11 26.61
CA PHE B 29 -5.73 24.29 25.48
C PHE B 29 -5.22 25.18 24.34
N VAL B 30 -5.07 26.47 24.60
CA VAL B 30 -4.31 27.41 23.73
C VAL B 30 -3.12 27.90 24.54
N ARG B 31 -1.93 27.37 24.23
CA ARG B 31 -0.69 27.62 25.00
C ARG B 31 0.21 28.57 24.20
N THR B 32 0.57 29.70 24.80
CA THR B 32 1.50 30.70 24.21
C THR B 32 2.59 31.08 25.21
N ASP B 33 2.65 30.43 26.37
CA ASP B 33 3.63 30.78 27.44
C ASP B 33 5.02 30.28 27.04
N GLU B 34 6.06 31.00 27.47
CA GLU B 34 7.49 30.72 27.15
C GLU B 34 7.80 29.24 27.41
N ALA B 35 7.38 28.70 28.56
CA ALA B 35 7.77 27.35 29.01
C ALA B 35 7.14 26.28 28.12
N GLU B 36 5.88 26.45 27.70
CA GLU B 36 5.20 25.41 26.90
C GLU B 36 5.81 25.46 25.49
N LEU B 37 6.08 26.66 24.99
CA LEU B 37 6.68 26.81 23.63
C LEU B 37 8.07 26.18 23.61
N ALA B 38 8.87 26.34 24.67
CA ALA B 38 10.23 25.76 24.77
C ALA B 38 10.16 24.23 24.69
N ARG B 39 9.12 23.64 25.27
CA ARG B 39 8.92 22.18 25.33
C ARG B 39 8.74 21.63 23.90
N PHE B 40 8.36 22.47 22.95
CA PHE B 40 8.13 22.11 21.51
C PHE B 40 9.38 22.39 20.70
N HIS B 41 10.46 22.84 21.33
CA HIS B 41 11.76 22.97 20.62
C HIS B 41 12.19 21.58 20.19
N ASP B 42 12.78 21.50 19.00
CA ASP B 42 13.53 20.31 18.58
C ASP B 42 14.57 20.01 19.66
N PRO B 43 14.60 18.81 20.27
CA PRO B 43 15.62 18.53 21.27
C PRO B 43 17.00 18.36 20.61
N TYR B 44 17.03 18.06 19.31
CA TYR B 44 18.29 17.68 18.60
C TYR B 44 18.47 18.57 17.37
N PRO B 45 18.62 19.90 17.56
CA PRO B 45 18.66 20.83 16.43
C PRO B 45 19.97 20.72 15.66
N VAL B 46 19.88 20.81 14.34
CA VAL B 46 21.06 20.82 13.40
C VAL B 46 21.14 22.23 12.83
N GLY B 47 22.34 22.78 12.69
CA GLY B 47 22.53 24.22 12.46
C GLY B 47 21.97 25.03 13.63
N ASP B 48 21.23 26.11 13.34
CA ASP B 48 20.66 27.02 14.37
C ASP B 48 19.74 26.25 15.32
N ALA B 49 19.84 26.51 16.61
CA ALA B 49 18.94 25.94 17.63
C ALA B 49 17.57 26.61 17.53
N ASP B 50 17.53 27.86 17.03
CA ASP B 50 16.37 28.77 16.98
C ASP B 50 15.60 28.66 15.65
N ALA B 51 15.99 27.74 14.76
CA ALA B 51 15.52 27.66 13.34
C ALA B 51 14.05 27.22 13.21
N HIS B 52 13.47 26.54 14.20
CA HIS B 52 12.11 25.94 14.08
C HIS B 52 11.30 26.16 15.37
N LEU B 53 10.70 27.35 15.50
CA LEU B 53 9.97 27.77 16.72
C LEU B 53 8.47 27.68 16.46
N ALA B 54 7.68 27.44 17.50
CA ALA B 54 6.21 27.51 17.49
C ALA B 54 5.79 28.88 18.03
N SER B 55 4.71 29.42 17.45
CA SER B 55 4.09 30.69 17.91
C SER B 55 3.03 30.37 18.97
N ALA B 56 2.44 29.17 18.93
CA ALA B 56 1.37 28.74 19.86
C ALA B 56 1.16 27.25 19.68
N VAL B 57 0.50 26.63 20.63
CA VAL B 57 0.14 25.19 20.54
C VAL B 57 -1.34 25.09 20.92
N ILE B 58 -2.12 24.50 20.02
CA ILE B 58 -3.59 24.34 20.13
C ILE B 58 -3.86 22.85 20.35
N SER B 59 -4.65 22.50 21.35
CA SER B 59 -4.98 21.08 21.65
C SER B 59 -6.48 20.88 21.46
N PRO B 60 -6.93 20.41 20.26
CA PRO B 60 -8.35 20.20 20.00
C PRO B 60 -8.86 18.97 20.75
N ARG B 61 -10.15 18.99 21.12
CA ARG B 61 -10.77 17.89 21.88
C ARG B 61 -11.07 16.69 20.96
N ASP B 62 -11.38 17.00 19.71
CA ASP B 62 -12.00 15.99 18.83
C ASP B 62 -12.01 16.51 17.40
N THR B 63 -12.49 15.68 16.49
CA THR B 63 -12.47 15.93 15.05
C THR B 63 -13.18 17.25 14.79
N GLU B 64 -14.34 17.47 15.43
CA GLU B 64 -15.15 18.67 15.14
C GLU B 64 -14.33 19.90 15.53
N GLN B 65 -13.60 19.84 16.65
CA GLN B 65 -12.76 21.01 17.04
C GLN B 65 -11.59 21.18 16.07
N VAL B 66 -11.02 20.07 15.59
CA VAL B 66 -9.93 20.16 14.57
C VAL B 66 -10.50 20.92 13.36
N GLN B 67 -11.68 20.58 12.90
CA GLN B 67 -12.29 21.28 11.75
C GLN B 67 -12.41 22.78 12.05
N GLU B 68 -12.86 23.16 13.21
CA GLU B 68 -13.07 24.56 13.51
C GLU B 68 -11.75 25.31 13.60
N VAL B 69 -10.77 24.71 14.22
CA VAL B 69 -9.42 25.36 14.32
C VAL B 69 -8.86 25.51 12.91
N VAL B 70 -9.04 24.50 12.05
CA VAL B 70 -8.57 24.65 10.65
C VAL B 70 -9.35 25.79 9.96
N ARG B 71 -10.66 25.89 10.14
CA ARG B 71 -11.42 26.97 9.46
C ARG B 71 -10.96 28.34 9.97
N ILE B 72 -10.71 28.47 11.28
CA ILE B 72 -10.18 29.73 11.87
C ILE B 72 -8.83 30.06 11.23
N ALA B 73 -7.93 29.08 11.13
CA ALA B 73 -6.59 29.27 10.52
C ALA B 73 -6.74 29.79 9.10
N ASN B 74 -7.70 29.25 8.35
CA ASN B 74 -8.00 29.66 6.95
C ASN B 74 -8.41 31.13 6.94
N ARG B 75 -9.33 31.49 7.84
CA ARG B 75 -9.85 32.89 7.92
C ARG B 75 -8.68 33.86 8.15
N TYR B 76 -7.74 33.53 9.04
CA TYR B 76 -6.68 34.48 9.46
C TYR B 76 -5.32 34.19 8.81
N GLY B 77 -5.23 33.24 7.88
CA GLY B 77 -3.96 32.85 7.22
C GLY B 77 -2.94 32.30 8.20
N ILE B 78 -3.40 31.61 9.25
CA ILE B 78 -2.48 31.03 10.26
C ILE B 78 -1.93 29.70 9.72
N PRO B 79 -0.60 29.53 9.56
CA PRO B 79 -0.02 28.23 9.22
C PRO B 79 -0.06 27.31 10.45
N LEU B 80 -0.50 26.06 10.23
CA LEU B 80 -0.67 25.06 11.30
C LEU B 80 0.24 23.87 11.02
N SER B 81 1.14 23.57 11.92
CA SER B 81 1.90 22.31 11.88
C SER B 81 1.17 21.27 12.70
N VAL B 82 1.63 20.03 12.66
CA VAL B 82 0.82 18.95 13.22
C VAL B 82 1.68 17.92 13.94
N ILE B 83 1.27 17.55 15.13
CA ILE B 83 1.86 16.39 15.85
C ILE B 83 0.74 15.46 16.32
N SER B 84 1.11 14.24 16.58
CA SER B 84 0.32 13.26 17.36
C SER B 84 0.87 13.30 18.79
N THR B 85 2.03 12.70 18.98
CA THR B 85 2.79 12.71 20.25
C THR B 85 4.02 13.63 20.12
N GLY B 86 4.47 13.98 18.93
CA GLY B 86 5.56 14.97 18.79
C GLY B 86 6.93 14.46 19.26
N ARG B 87 7.20 13.16 19.17
CA ARG B 87 8.49 12.53 19.57
C ARG B 87 9.31 12.18 18.32
N ASN B 88 9.11 12.95 17.24
CA ASN B 88 9.81 12.74 15.94
C ASN B 88 11.28 13.15 16.06
N ASN B 89 11.92 12.67 17.11
CA ASN B 89 13.32 13.04 17.41
C ASN B 89 14.24 12.41 16.38
N GLY B 90 15.18 13.21 15.86
CA GLY B 90 15.98 12.82 14.71
C GLY B 90 15.48 13.56 13.48
N TYR B 91 14.25 14.06 13.53
CA TYR B 91 13.60 14.68 12.36
C TYR B 91 13.00 16.04 12.67
N GLY B 92 13.18 16.52 13.91
CA GLY B 92 12.70 17.84 14.32
C GLY B 92 11.88 17.80 15.58
N GLY B 93 11.60 16.61 16.12
CA GLY B 93 10.70 16.44 17.26
C GLY B 93 9.34 17.04 16.98
N SER B 94 8.86 17.93 17.82
CA SER B 94 7.52 18.53 17.68
C SER B 94 7.63 19.88 16.98
N ALA B 95 8.81 20.29 16.51
CA ALA B 95 9.05 21.61 15.90
C ALA B 95 8.52 21.70 14.49
N PRO B 96 7.85 22.81 14.13
CA PRO B 96 7.31 22.99 12.79
C PRO B 96 8.40 23.23 11.73
N ARG B 97 8.19 22.71 10.53
CA ARG B 97 9.13 23.02 9.46
C ARG B 97 9.16 24.55 9.26
N LEU B 98 8.01 25.18 9.20
CA LEU B 98 7.88 26.64 9.03
C LEU B 98 7.99 27.27 10.41
N SER B 99 9.11 27.92 10.67
CA SER B 99 9.31 28.63 11.96
C SER B 99 8.21 29.66 12.14
N GLY B 100 7.60 29.64 13.33
CA GLY B 100 6.48 30.52 13.72
C GLY B 100 5.12 29.87 13.49
N ALA B 101 5.04 28.67 12.90
CA ALA B 101 3.73 28.00 12.76
C ALA B 101 3.09 27.81 14.14
N VAL B 102 1.78 27.68 14.13
CA VAL B 102 1.00 27.20 15.30
C VAL B 102 0.92 25.67 15.25
N VAL B 103 1.23 25.01 16.36
CA VAL B 103 1.28 23.52 16.38
C VAL B 103 -0.11 23.04 16.79
N VAL B 104 -0.66 22.10 16.02
CA VAL B 104 -1.89 21.41 16.44
C VAL B 104 -1.47 20.14 17.15
N ASN B 105 -1.66 20.13 18.47
CA ASN B 105 -1.29 19.01 19.34
C ASN B 105 -2.49 18.07 19.38
N THR B 106 -2.56 17.14 18.43
CA THR B 106 -3.77 16.29 18.32
C THR B 106 -3.78 15.28 19.45
N GLY B 107 -2.63 14.83 19.93
CA GLY B 107 -2.58 13.65 20.82
C GLY B 107 -2.88 13.99 22.27
N GLU B 108 -2.85 15.26 22.67
CA GLU B 108 -3.08 15.61 24.10
C GLU B 108 -4.47 15.11 24.53
N ARG B 109 -5.50 15.42 23.76
CA ARG B 109 -6.91 15.10 24.10
C ARG B 109 -7.50 14.03 23.19
N MET B 110 -6.95 13.81 21.99
CA MET B 110 -7.46 12.76 21.07
C MET B 110 -6.55 11.56 21.25
N ASN B 111 -6.75 10.86 22.35
CA ASN B 111 -5.81 9.84 22.83
C ASN B 111 -6.51 8.54 23.14
N ARG B 112 -7.67 8.27 22.53
CA ARG B 112 -8.43 7.06 22.87
C ARG B 112 -8.12 5.92 21.89
N ILE B 113 -8.05 4.73 22.43
CA ILE B 113 -8.25 3.45 21.68
C ILE B 113 -9.76 3.31 21.47
N LEU B 114 -10.24 3.54 20.25
CA LEU B 114 -11.69 3.60 19.95
C LEU B 114 -12.25 2.18 19.82
N GLU B 115 -11.48 1.23 19.31
CA GLU B 115 -11.97 -0.12 19.03
C GLU B 115 -10.78 -1.05 18.94
N VAL B 116 -10.88 -2.23 19.53
CA VAL B 116 -10.01 -3.38 19.22
C VAL B 116 -10.89 -4.57 18.91
N ASP B 117 -10.72 -5.16 17.74
CA ASP B 117 -11.36 -6.42 17.37
C ASP B 117 -10.31 -7.52 17.48
N GLU B 118 -10.42 -8.39 18.47
CA GLU B 118 -9.40 -9.43 18.72
C GLU B 118 -9.44 -10.49 17.61
N LYS B 119 -10.64 -10.92 17.19
CA LYS B 119 -10.77 -12.04 16.23
C LYS B 119 -10.25 -11.58 14.86
N LEU B 120 -10.59 -10.37 14.45
CA LEU B 120 -10.22 -9.91 13.10
C LEU B 120 -8.91 -9.13 13.17
N GLY B 121 -8.40 -8.87 14.36
CA GLY B 121 -7.01 -8.38 14.49
C GLY B 121 -6.86 -6.96 14.00
N TYR B 122 -7.49 -6.01 14.66
CA TYR B 122 -7.30 -4.60 14.30
C TYR B 122 -7.63 -3.70 15.46
N ALA B 123 -7.13 -2.48 15.39
CA ALA B 123 -7.51 -1.38 16.29
C ALA B 123 -7.87 -0.13 15.49
N LEU B 124 -8.77 0.66 16.03
CA LEU B 124 -9.09 2.01 15.54
C LEU B 124 -8.58 2.96 16.61
N LEU B 125 -7.73 3.91 16.23
CA LEU B 125 -6.91 4.67 17.18
C LEU B 125 -7.06 6.16 16.92
N GLU B 126 -6.91 6.96 17.99
CA GLU B 126 -6.67 8.41 17.86
C GLU B 126 -5.18 8.66 17.97
N PRO B 127 -4.73 9.86 17.59
CA PRO B 127 -3.30 10.18 17.51
C PRO B 127 -2.50 10.06 18.81
N GLY B 128 -3.14 10.28 19.95
CA GLY B 128 -2.43 10.30 21.24
C GLY B 128 -2.14 8.93 21.79
N VAL B 129 -2.62 7.85 21.15
CA VAL B 129 -2.33 6.48 21.61
C VAL B 129 -0.87 6.19 21.35
N THR B 130 -0.09 6.01 22.42
CA THR B 130 1.32 5.65 22.29
C THR B 130 1.45 4.14 22.06
N TYR B 131 2.59 3.66 21.64
CA TYR B 131 2.86 2.20 21.59
C TYR B 131 2.69 1.59 22.99
N PHE B 132 3.18 2.27 24.03
CA PHE B 132 2.97 1.79 25.42
C PHE B 132 1.48 1.63 25.72
N ASP B 133 0.67 2.64 25.39
CA ASP B 133 -0.79 2.62 25.62
C ASP B 133 -1.41 1.41 24.94
N LEU B 134 -1.06 1.17 23.66
CA LEU B 134 -1.72 0.08 22.93
C LEU B 134 -1.26 -1.28 23.47
N HIS B 135 0.03 -1.47 23.73
CA HIS B 135 0.53 -2.72 24.35
C HIS B 135 -0.25 -2.99 25.63
N GLU B 136 -0.33 -1.98 26.50
CA GLU B 136 -1.02 -2.13 27.81
C GLU B 136 -2.46 -2.60 27.57
N TYR B 137 -3.14 -1.96 26.63
CA TYR B 137 -4.55 -2.27 26.32
C TYR B 137 -4.68 -3.70 25.82
N LEU B 138 -3.83 -4.11 24.90
CA LEU B 138 -3.92 -5.49 24.34
C LEU B 138 -3.70 -6.49 25.49
N GLU B 139 -2.70 -6.25 26.33
CA GLU B 139 -2.37 -7.22 27.40
C GLU B 139 -3.57 -7.34 28.36
N ALA B 140 -4.32 -6.27 28.58
CA ALA B 140 -5.49 -6.22 29.49
C ALA B 140 -6.75 -6.80 28.82
N HIS B 141 -6.97 -6.57 27.52
CA HIS B 141 -8.28 -6.74 26.85
C HIS B 141 -8.24 -7.63 25.61
N ALA B 142 -7.09 -7.86 24.96
CA ALA B 142 -7.00 -8.67 23.72
C ALA B 142 -5.61 -9.28 23.65
N PRO B 143 -5.25 -10.09 24.66
CA PRO B 143 -3.87 -10.56 24.79
C PRO B 143 -3.37 -11.54 23.73
N SER B 144 -4.20 -11.97 22.77
CA SER B 144 -3.75 -12.81 21.62
C SER B 144 -3.07 -11.93 20.55
N LEU B 145 -3.19 -10.62 20.68
CA LEU B 145 -2.64 -9.68 19.69
C LEU B 145 -1.37 -9.01 20.23
N MET B 146 -0.55 -8.50 19.32
CA MET B 146 0.64 -7.70 19.66
C MET B 146 0.77 -6.54 18.68
N ILE B 147 1.38 -5.46 19.15
CA ILE B 147 1.71 -4.28 18.32
C ILE B 147 2.97 -4.57 17.52
N ASP B 148 3.25 -3.65 16.61
CA ASP B 148 4.56 -3.51 15.99
C ASP B 148 5.04 -2.12 16.38
N CYS B 149 6.16 -2.03 17.06
CA CYS B 149 6.68 -0.75 17.57
C CYS B 149 8.07 -0.47 17.04
N PRO B 150 8.36 0.83 16.94
CA PRO B 150 9.73 1.27 16.68
C PRO B 150 10.55 1.05 17.96
N ASP B 151 11.79 1.46 17.92
CA ASP B 151 12.72 1.28 19.07
C ASP B 151 12.19 1.92 20.36
N LEU B 152 11.50 3.05 20.26
CA LEU B 152 11.07 3.81 21.46
C LEU B 152 9.55 3.85 21.57
N GLY B 153 9.01 3.38 22.69
CA GLY B 153 7.56 3.13 22.83
C GLY B 153 6.75 4.36 23.07
N TRP B 154 7.35 5.53 23.30
CA TRP B 154 6.62 6.78 23.63
C TRP B 154 6.08 7.47 22.37
N GLY B 155 6.38 6.92 21.20
CA GLY B 155 5.83 7.44 19.93
C GLY B 155 4.38 7.07 19.79
N SER B 156 3.81 7.59 18.71
CA SER B 156 2.37 7.46 18.41
C SER B 156 2.21 6.37 17.37
N VAL B 157 1.29 5.46 17.61
CA VAL B 157 0.97 4.44 16.56
C VAL B 157 0.56 5.19 15.29
N VAL B 158 -0.23 6.22 15.42
CA VAL B 158 -0.67 7.06 14.28
C VAL B 158 0.51 7.88 13.75
N GLY B 159 1.12 8.75 14.59
CA GLY B 159 2.12 9.72 14.11
C GLY B 159 3.26 8.98 13.42
N ASN B 160 3.72 7.89 13.99
CA ASN B 160 4.83 7.16 13.37
C ASN B 160 4.39 6.64 11.99
N ALA B 161 3.23 6.00 11.88
CA ALA B 161 2.73 5.53 10.55
C ALA B 161 2.67 6.71 9.56
N LEU B 162 2.28 7.90 10.03
CA LEU B 162 2.07 9.06 9.13
C LEU B 162 3.41 9.61 8.65
N ASP B 163 4.54 9.25 9.26
CA ASP B 163 5.86 9.64 8.72
C ASP B 163 6.46 8.43 8.01
N ARG B 164 5.67 7.37 7.84
CA ARG B 164 6.09 6.05 7.26
C ARG B 164 7.28 5.51 8.06
N GLY B 165 7.17 5.61 9.39
CA GLY B 165 8.05 4.93 10.33
C GLY B 165 7.83 3.44 10.28
N ALA B 166 8.64 2.70 10.99
CA ALA B 166 8.62 1.23 10.92
C ALA B 166 9.11 0.62 12.22
N GLY B 167 8.72 -0.61 12.38
CA GLY B 167 9.25 -1.50 13.40
C GLY B 167 9.74 -2.79 12.82
N TYR B 168 9.72 -3.85 13.61
CA TYR B 168 10.66 -4.97 13.35
C TYR B 168 10.02 -6.35 13.43
N THR B 169 8.72 -6.42 13.70
CA THR B 169 7.98 -7.69 13.59
C THR B 169 7.62 -7.87 12.13
N PRO B 170 6.95 -8.97 11.76
CA PRO B 170 6.48 -9.14 10.39
C PRO B 170 5.57 -7.98 9.95
N TYR B 171 4.97 -7.29 10.90
CA TYR B 171 4.07 -6.13 10.65
C TYR B 171 4.87 -4.81 10.75
N GLY B 172 6.15 -4.85 10.40
CA GLY B 172 7.04 -3.68 10.55
C GLY B 172 6.69 -2.50 9.69
N ASP B 173 6.08 -2.70 8.51
CA ASP B 173 5.74 -1.58 7.61
C ASP B 173 4.44 -0.95 8.12
N HIS B 174 4.53 0.09 8.93
CA HIS B 174 3.38 0.69 9.62
C HIS B 174 2.35 1.20 8.63
N PHE B 175 2.76 1.85 7.56
CA PHE B 175 1.78 2.35 6.57
C PHE B 175 1.06 1.17 5.94
N MET B 176 1.77 0.10 5.61
CA MET B 176 1.12 -1.05 4.96
C MET B 176 -0.05 -1.50 5.84
N TRP B 177 0.17 -1.68 7.15
CA TRP B 177 -0.87 -2.25 8.03
C TRP B 177 -1.89 -1.19 8.46
N GLN B 178 -1.59 0.09 8.28
CA GLN B 178 -2.61 1.15 8.45
C GLN B 178 -3.78 0.85 7.51
N THR B 179 -4.99 0.87 8.08
CA THR B 179 -6.20 0.47 7.35
C THR B 179 -7.33 1.44 7.68
N GLY B 180 -7.62 2.35 6.78
CA GLY B 180 -8.64 3.37 7.04
C GLY B 180 -8.11 4.53 7.85
N MET B 181 -8.56 5.72 7.51
CA MET B 181 -8.29 6.91 8.32
C MET B 181 -9.43 7.92 8.18
N GLU B 182 -9.56 8.75 9.19
CA GLU B 182 -10.38 9.97 9.12
C GLU B 182 -9.42 11.14 9.07
N VAL B 183 -9.68 12.08 8.18
CA VAL B 183 -8.73 13.21 8.00
C VAL B 183 -9.52 14.49 7.81
N VAL B 184 -9.01 15.57 8.44
CA VAL B 184 -9.55 16.92 8.20
C VAL B 184 -8.68 17.56 7.10
N LEU B 185 -9.28 17.90 5.99
CA LEU B 185 -8.61 18.47 4.82
C LEU B 185 -8.30 19.93 5.10
N PRO B 186 -7.42 20.57 4.31
CA PRO B 186 -6.85 21.86 4.70
C PRO B 186 -7.80 23.06 4.79
N GLN B 187 -9.03 22.95 4.30
CA GLN B 187 -10.04 24.03 4.47
C GLN B 187 -11.09 23.63 5.51
N GLY B 188 -10.93 22.49 6.17
CA GLY B 188 -11.78 22.14 7.33
C GLY B 188 -12.77 21.04 7.06
N ASP B 189 -12.85 20.55 5.82
CA ASP B 189 -13.78 19.44 5.50
C ASP B 189 -13.19 18.15 6.06
N VAL B 190 -14.04 17.22 6.44
CA VAL B 190 -13.56 15.94 7.02
C VAL B 190 -13.97 14.82 6.09
N MET B 191 -13.12 13.83 6.01
CA MET B 191 -13.33 12.69 5.10
C MET B 191 -12.86 11.42 5.78
N ARG B 192 -13.50 10.30 5.47
CA ARG B 192 -13.02 8.97 5.80
C ARG B 192 -12.53 8.28 4.52
N THR B 193 -11.42 7.61 4.62
CA THR B 193 -10.89 6.84 3.46
C THR B 193 -11.41 5.40 3.46
N GLY B 194 -11.23 4.76 2.34
CA GLY B 194 -11.43 3.30 2.21
C GLY B 194 -12.88 2.97 2.47
N MET B 195 -13.08 1.85 3.15
CA MET B 195 -14.45 1.35 3.33
C MET B 195 -15.18 2.23 4.34
N GLY B 196 -14.48 3.10 5.05
CA GLY B 196 -15.10 4.00 6.03
C GLY B 196 -15.90 5.11 5.37
N ALA B 197 -15.69 5.35 4.09
CA ALA B 197 -16.47 6.35 3.33
C ALA B 197 -17.89 5.85 3.09
N LEU B 198 -18.16 4.56 3.28
CA LEU B 198 -19.54 4.02 3.20
C LEU B 198 -20.18 4.11 4.57
N PRO B 199 -21.21 4.95 4.72
CA PRO B 199 -21.88 5.05 6.02
C PRO B 199 -22.36 3.68 6.51
N GLY B 200 -21.96 3.35 7.73
CA GLY B 200 -22.41 2.13 8.40
C GLY B 200 -21.61 0.93 7.92
N SER B 201 -20.47 1.15 7.25
CA SER B 201 -19.66 0.00 6.79
C SER B 201 -19.16 -0.78 8.00
N THR B 202 -18.98 -2.07 7.81
CA THR B 202 -18.44 -2.97 8.85
C THR B 202 -17.01 -3.39 8.55
N THR B 203 -16.37 -2.76 7.59
CA THR B 203 -15.07 -3.28 7.04
C THR B 203 -13.96 -2.23 6.99
N TRP B 204 -14.11 -1.12 7.67
CA TRP B 204 -13.13 0.01 7.57
C TRP B 204 -11.71 -0.49 7.85
N GLN B 205 -11.54 -1.41 8.80
CA GLN B 205 -10.19 -1.85 9.22
C GLN B 205 -9.82 -3.18 8.57
N LEU B 206 -10.61 -3.69 7.64
CA LEU B 206 -10.39 -5.03 7.07
C LEU B 206 -9.66 -4.99 5.73
N ILE B 207 -9.69 -3.86 4.99
CA ILE B 207 -9.00 -3.79 3.68
C ILE B 207 -8.69 -2.31 3.50
N PRO B 208 -7.47 -1.93 3.05
CA PRO B 208 -7.12 -0.52 3.07
C PRO B 208 -7.72 0.31 1.95
N TYR B 209 -8.17 -0.35 0.89
CA TYR B 209 -8.66 0.33 -0.33
C TYR B 209 -10.17 0.28 -0.22
N GLY B 210 -10.76 1.33 -0.69
CA GLY B 210 -12.19 1.35 -0.92
C GLY B 210 -12.47 1.30 -2.40
N PHE B 211 -13.20 2.28 -2.86
CA PHE B 211 -13.57 2.36 -4.30
C PHE B 211 -13.02 3.64 -4.87
N GLY B 212 -12.45 3.56 -6.08
CA GLY B 212 -11.91 4.77 -6.69
C GLY B 212 -10.46 4.95 -6.26
N PRO B 213 -9.88 6.12 -6.59
CA PRO B 213 -8.46 6.34 -6.34
C PRO B 213 -8.16 6.16 -4.83
N TYR B 214 -7.06 5.51 -4.49
CA TYR B 214 -6.68 5.12 -3.13
C TYR B 214 -5.85 6.22 -2.54
N PRO B 215 -6.38 7.00 -1.57
CA PRO B 215 -5.71 8.25 -1.17
C PRO B 215 -4.83 8.20 0.08
N ASP B 216 -4.90 7.17 0.91
CA ASP B 216 -4.28 7.22 2.26
C ASP B 216 -2.79 7.56 2.20
N GLY B 217 -2.08 7.05 1.20
CA GLY B 217 -0.63 7.34 1.11
C GLY B 217 -0.37 8.82 0.97
N MET B 218 -1.30 9.60 0.42
CA MET B 218 -1.13 11.03 0.19
C MET B 218 -1.15 11.78 1.51
N PHE B 219 -1.49 11.12 2.63
CA PHE B 219 -1.52 11.76 3.97
C PHE B 219 -0.34 11.31 4.82
N THR B 220 0.62 10.64 4.21
CA THR B 220 1.86 10.24 4.91
C THR B 220 3.05 11.06 4.36
N GLN B 221 3.96 11.41 5.25
CA GLN B 221 5.05 12.40 4.96
C GLN B 221 4.43 13.58 4.23
N SER B 222 3.32 14.11 4.74
CA SER B 222 2.42 14.99 3.97
C SER B 222 1.88 16.15 4.81
N ASN B 223 1.52 17.23 4.14
CA ASN B 223 0.82 18.38 4.74
C ASN B 223 -0.56 18.52 4.12
N LEU B 224 -1.17 17.41 3.69
CA LEU B 224 -2.48 17.48 2.99
C LEU B 224 -3.64 17.33 3.96
N GLY B 225 -3.39 17.10 5.24
CA GLY B 225 -4.53 17.00 6.16
C GLY B 225 -4.15 16.65 7.56
N ILE B 226 -5.08 16.83 8.48
CA ILE B 226 -4.88 16.47 9.92
C ILE B 226 -5.68 15.20 10.20
N VAL B 227 -4.97 14.12 10.41
CA VAL B 227 -5.56 12.79 10.69
C VAL B 227 -6.10 12.80 12.12
N THR B 228 -7.35 12.36 12.27
CA THR B 228 -8.06 12.32 13.57
C THR B 228 -8.36 10.90 14.01
N LYS B 229 -8.41 9.95 13.08
CA LYS B 229 -8.55 8.51 13.45
C LYS B 229 -7.74 7.70 12.46
N MET B 230 -7.21 6.61 12.91
CA MET B 230 -6.50 5.72 11.99
C MET B 230 -6.71 4.28 12.43
N GLY B 231 -6.98 3.39 11.48
CA GLY B 231 -7.04 1.96 11.76
C GLY B 231 -5.69 1.33 11.60
N ILE B 232 -5.44 0.26 12.28
CA ILE B 232 -4.20 -0.52 12.00
C ILE B 232 -4.50 -1.98 12.25
N ALA B 233 -4.03 -2.85 11.37
CA ALA B 233 -4.09 -4.30 11.59
C ALA B 233 -3.08 -4.66 12.68
N LEU B 234 -3.41 -5.70 13.43
CA LEU B 234 -2.59 -6.19 14.56
C LEU B 234 -2.38 -7.67 14.40
N MET B 235 -1.14 -8.12 14.49
CA MET B 235 -0.74 -9.52 14.30
C MET B 235 -1.10 -10.29 15.59
N GLN B 236 -1.51 -11.53 15.38
CA GLN B 236 -1.60 -12.54 16.46
C GLN B 236 -0.21 -12.86 16.97
N LYS B 237 -0.07 -12.92 18.28
CA LYS B 237 1.14 -13.51 18.89
C LYS B 237 1.28 -14.94 18.41
N PRO B 238 2.48 -15.36 17.97
CA PRO B 238 2.76 -16.77 17.72
C PRO B 238 2.84 -17.56 19.02
N PRO B 239 2.80 -18.90 18.93
CA PRO B 239 2.84 -19.75 20.12
C PRO B 239 4.16 -19.62 20.89
N ALA B 240 5.24 -19.30 20.19
CA ALA B 240 6.59 -19.14 20.81
C ALA B 240 7.43 -18.22 19.92
N SER B 241 8.49 -17.68 20.49
CA SER B 241 9.46 -16.89 19.70
C SER B 241 10.83 -17.05 20.32
N MET B 242 11.83 -16.79 19.50
CA MET B 242 13.22 -16.75 19.97
C MET B 242 13.95 -15.66 19.20
N THR B 243 14.78 -14.92 19.90
CA THR B 243 15.64 -13.87 19.30
C THR B 243 17.10 -14.31 19.42
N TYR B 244 17.86 -14.09 18.37
CA TYR B 244 19.27 -14.51 18.28
C TYR B 244 20.10 -13.33 17.82
N GLN B 245 21.36 -13.38 18.24
CA GLN B 245 22.42 -12.43 17.87
C GLN B 245 23.45 -13.22 17.06
N ILE B 246 23.87 -12.70 15.94
CA ILE B 246 25.05 -13.25 15.21
C ILE B 246 26.09 -12.13 15.27
N THR B 247 27.24 -12.40 15.90
CA THR B 247 28.39 -11.45 15.86
C THR B 247 29.31 -11.83 14.71
N PHE B 248 29.77 -10.82 13.98
CA PHE B 248 30.73 -10.95 12.87
C PHE B 248 31.94 -10.09 13.22
N GLU B 249 33.13 -10.71 13.17
CA GLU B 249 34.35 -10.09 13.69
C GLU B 249 34.83 -8.94 12.81
N ASN B 250 34.72 -9.07 11.49
CA ASN B 250 35.45 -8.22 10.51
C ASN B 250 34.54 -7.14 9.93
N GLU B 251 35.01 -5.92 9.83
CA GLU B 251 34.22 -4.85 9.14
C GLU B 251 33.97 -5.30 7.70
N SER B 252 34.90 -5.99 7.07
CA SER B 252 34.77 -6.46 5.66
C SER B 252 33.74 -7.60 5.53
N ASP B 253 33.23 -8.17 6.62
CA ASP B 253 32.19 -9.25 6.58
C ASP B 253 30.86 -8.67 6.08
N LEU B 254 30.66 -7.36 6.13
CA LEU B 254 29.39 -6.74 5.69
C LEU B 254 28.96 -7.28 4.33
N GLU B 255 29.85 -7.34 3.35
CA GLU B 255 29.47 -7.77 1.97
C GLU B 255 28.81 -9.15 2.01
N GLN B 256 29.42 -10.12 2.65
CA GLN B 256 28.87 -11.50 2.65
C GLN B 256 27.63 -11.55 3.55
N ILE B 257 27.58 -10.78 4.63
CA ILE B 257 26.41 -10.82 5.56
C ILE B 257 25.18 -10.41 4.74
N VAL B 258 25.28 -9.34 4.00
CA VAL B 258 24.11 -8.82 3.24
C VAL B 258 23.77 -9.81 2.14
N ASP B 259 24.74 -10.42 1.49
CA ASP B 259 24.46 -11.33 0.35
C ASP B 259 23.86 -12.64 0.86
N ILE B 260 24.09 -13.05 2.11
CA ILE B 260 23.42 -14.23 2.69
C ILE B 260 22.04 -13.79 3.19
N MET B 261 21.91 -12.59 3.72
CA MET B 261 20.67 -12.08 4.36
C MET B 261 19.55 -11.98 3.31
N LEU B 262 19.84 -11.45 2.14
CA LEU B 262 18.73 -11.13 1.20
C LEU B 262 17.99 -12.40 0.84
N PRO B 263 18.64 -13.48 0.36
CA PRO B 263 17.88 -14.66 -0.04
C PRO B 263 17.13 -15.31 1.12
N LEU B 264 17.57 -15.08 2.35
CA LEU B 264 16.91 -15.64 3.56
C LEU B 264 15.75 -14.76 4.00
N ARG B 265 15.69 -13.51 3.53
CA ARG B 265 14.63 -12.56 3.93
C ARG B 265 13.58 -12.41 2.83
N ILE B 266 13.92 -12.51 1.56
CA ILE B 266 12.99 -12.11 0.47
C ILE B 266 11.70 -12.96 0.47
N ASN B 267 11.72 -14.19 0.95
CA ASN B 267 10.49 -15.04 1.08
C ASN B 267 9.89 -14.95 2.48
N MET B 268 10.40 -14.03 3.32
CA MET B 268 9.92 -13.80 4.69
C MET B 268 10.15 -15.02 5.59
N ALA B 269 11.05 -15.90 5.18
CA ALA B 269 11.47 -17.12 5.92
C ALA B 269 12.78 -17.58 5.29
N PRO B 270 13.78 -18.03 6.07
CA PRO B 270 13.65 -18.21 7.51
C PRO B 270 13.79 -16.93 8.31
N LEU B 271 14.24 -15.84 7.65
CA LEU B 271 14.29 -14.52 8.34
C LEU B 271 12.88 -13.95 8.43
N GLN B 272 12.17 -14.29 9.50
CA GLN B 272 10.71 -14.03 9.61
C GLN B 272 10.41 -12.60 10.02
N ASN B 273 11.28 -11.93 10.75
CA ASN B 273 11.06 -10.53 11.17
C ASN B 273 11.96 -9.64 10.32
N VAL B 274 11.98 -8.35 10.67
CA VAL B 274 12.90 -7.43 9.97
C VAL B 274 14.32 -7.61 10.50
N PRO B 275 15.28 -8.10 9.68
CA PRO B 275 16.63 -8.33 10.17
C PRO B 275 17.38 -6.99 10.26
N VAL B 276 18.13 -6.83 11.34
CA VAL B 276 18.95 -5.63 11.57
C VAL B 276 20.41 -6.04 11.77
N LEU B 277 21.31 -5.23 11.25
CA LEU B 277 22.77 -5.46 11.32
C LEU B 277 23.41 -4.20 11.88
N ARG B 278 23.70 -4.21 13.20
CA ARG B 278 24.14 -3.01 13.92
C ARG B 278 25.68 -3.04 14.08
N ASN B 279 26.33 -1.92 13.81
CA ASN B 279 27.80 -1.87 13.99
C ASN B 279 28.13 -1.78 15.47
N ILE B 280 29.41 -1.94 15.76
CA ILE B 280 29.88 -2.00 17.17
C ILE B 280 29.48 -0.73 17.93
N ILE B 281 29.55 0.43 17.32
CA ILE B 281 29.28 1.69 18.06
C ILE B 281 27.81 1.74 18.44
N LEU B 282 26.92 1.41 17.50
CA LEU B 282 25.48 1.44 17.75
C LEU B 282 25.16 0.48 18.91
N ASP B 283 25.82 -0.67 19.00
CA ASP B 283 25.56 -1.63 20.10
C ASP B 283 26.25 -1.17 21.38
N ALA B 284 27.52 -0.79 21.30
CA ALA B 284 28.30 -0.33 22.48
C ALA B 284 27.63 0.88 23.14
N ALA B 285 27.03 1.78 22.37
CA ALA B 285 26.56 3.08 22.89
C ALA B 285 25.32 2.89 23.77
N VAL B 286 24.68 1.73 23.67
CA VAL B 286 23.49 1.40 24.51
C VAL B 286 23.97 1.09 25.93
N VAL B 287 25.20 0.61 26.10
CA VAL B 287 25.64 0.03 27.40
C VAL B 287 26.90 0.72 27.92
N SER B 288 27.30 1.84 27.33
CA SER B 288 28.59 2.49 27.67
C SER B 288 28.61 3.91 27.12
N GLN B 289 29.57 4.71 27.58
CA GLN B 289 29.77 6.10 27.10
C GLN B 289 31.08 6.14 26.32
N ARG B 290 31.21 7.06 25.39
CA ARG B 290 32.38 7.12 24.48
C ARG B 290 33.64 7.22 25.34
N ALA B 291 33.56 8.01 26.41
CA ALA B 291 34.72 8.36 27.28
C ALA B 291 35.29 7.09 27.96
N ASP B 292 34.48 6.03 28.07
CA ASP B 292 34.89 4.72 28.65
C ASP B 292 35.96 4.06 27.77
N TRP B 293 35.97 4.38 26.47
CA TRP B 293 36.84 3.73 25.46
C TRP B 293 37.94 4.68 24.93
N TYR B 294 37.70 5.99 24.95
CA TYR B 294 38.55 7.03 24.33
C TYR B 294 38.17 8.40 24.87
N ASP B 295 39.16 9.17 25.33
CA ASP B 295 38.96 10.52 25.90
C ASP B 295 39.79 11.54 25.10
N GLY B 296 40.40 11.11 24.00
CA GLY B 296 41.20 11.96 23.11
C GLY B 296 40.34 12.74 22.15
N ASP B 297 40.99 13.57 21.33
CA ASP B 297 40.42 14.31 20.18
C ASP B 297 40.38 13.37 18.97
N GLY B 298 39.58 13.71 17.96
CA GLY B 298 39.56 13.03 16.66
C GLY B 298 38.73 11.76 16.70
N PRO B 299 38.77 10.98 15.61
CA PRO B 299 38.02 9.75 15.50
C PRO B 299 38.42 8.69 16.52
N LEU B 300 37.48 7.81 16.87
CA LEU B 300 37.79 6.64 17.72
C LEU B 300 38.92 5.88 17.03
N PRO B 301 40.01 5.59 17.76
CA PRO B 301 41.07 4.79 17.17
C PRO B 301 40.64 3.34 17.03
N PRO B 302 41.21 2.58 16.06
CA PRO B 302 40.87 1.18 15.86
C PRO B 302 40.92 0.38 17.18
N GLU B 303 41.89 0.69 18.04
CA GLU B 303 42.09 -0.17 19.22
C GLU B 303 40.99 0.15 20.24
N ALA B 304 40.30 1.29 20.19
CA ALA B 304 39.14 1.58 21.06
C ALA B 304 37.95 0.72 20.56
N ILE B 305 37.81 0.59 19.24
CA ILE B 305 36.78 -0.26 18.59
C ILE B 305 37.01 -1.70 19.06
N GLU B 306 38.26 -2.18 19.03
CA GLU B 306 38.57 -3.57 19.42
C GLU B 306 38.27 -3.74 20.89
N ARG B 307 38.56 -2.74 21.71
CA ARG B 307 38.29 -2.88 23.17
C ARG B 307 36.78 -3.04 23.36
N MET B 308 35.95 -2.29 22.63
CA MET B 308 34.48 -2.41 22.70
C MET B 308 34.07 -3.83 22.33
N LYS B 309 34.60 -4.35 21.21
CA LYS B 309 34.25 -5.69 20.69
C LYS B 309 34.60 -6.72 21.77
N LYS B 310 35.81 -6.63 22.30
CA LYS B 310 36.25 -7.64 23.25
C LYS B 310 35.63 -7.53 24.63
N GLU B 311 35.58 -6.33 25.18
CA GLU B 311 34.97 -6.16 26.53
C GLU B 311 33.50 -6.62 26.49
N LEU B 312 32.77 -6.28 25.42
CA LEU B 312 31.31 -6.56 25.36
C LEU B 312 30.99 -7.90 24.68
N GLY B 313 31.94 -8.58 24.06
CA GLY B 313 31.75 -9.85 23.36
C GLY B 313 30.88 -9.62 22.13
N LEU B 314 31.23 -8.60 21.36
CA LEU B 314 30.48 -8.15 20.15
C LEU B 314 31.40 -8.21 18.95
N GLY B 315 30.80 -8.30 17.78
CA GLY B 315 31.53 -8.22 16.51
C GLY B 315 31.60 -6.79 16.01
N TYR B 316 32.26 -6.55 14.88
CA TYR B 316 32.15 -5.23 14.23
C TYR B 316 30.68 -5.05 13.78
N TRP B 317 30.13 -6.13 13.26
CA TRP B 317 28.69 -6.17 12.83
C TRP B 317 27.95 -7.17 13.71
N ASN B 318 26.76 -6.77 14.16
CA ASN B 318 25.96 -7.55 15.13
C ASN B 318 24.53 -7.70 14.56
N PHE B 319 24.18 -8.92 14.15
CA PHE B 319 22.91 -9.26 13.47
C PHE B 319 21.90 -9.65 14.54
N TYR B 320 20.67 -9.13 14.48
CA TYR B 320 19.62 -9.52 15.44
C TYR B 320 18.39 -9.90 14.62
N GLY B 321 17.88 -11.09 14.88
CA GLY B 321 16.65 -11.57 14.24
C GLY B 321 15.79 -12.30 15.23
N THR B 322 14.52 -12.48 14.87
CA THR B 322 13.54 -13.21 15.70
C THR B 322 12.85 -14.24 14.83
N LEU B 323 12.53 -15.38 15.46
CA LEU B 323 11.84 -16.51 14.84
C LEU B 323 10.57 -16.76 15.65
N TYR B 324 9.52 -17.15 14.93
CA TYR B 324 8.18 -17.31 15.49
C TYR B 324 7.64 -18.67 15.08
N GLY B 325 6.88 -19.25 16.00
CA GLY B 325 6.06 -20.45 15.75
C GLY B 325 6.31 -21.51 16.81
N PRO B 326 5.84 -22.74 16.55
CA PRO B 326 6.11 -23.88 17.42
C PRO B 326 7.61 -24.04 17.59
N PRO B 327 8.08 -24.55 18.76
CA PRO B 327 9.49 -24.82 18.95
C PRO B 327 10.20 -25.59 17.82
N GLN B 328 9.52 -26.54 17.18
CA GLN B 328 10.10 -27.37 16.10
C GLN B 328 10.38 -26.50 14.87
N LEU B 329 9.50 -25.53 14.57
CA LEU B 329 9.73 -24.64 13.40
C LEU B 329 10.87 -23.68 13.75
N ILE B 330 10.84 -23.12 14.98
CA ILE B 330 11.95 -22.22 15.41
C ILE B 330 13.27 -22.98 15.26
N GLU B 331 13.36 -24.21 15.75
CA GLU B 331 14.64 -24.98 15.70
C GLU B 331 15.07 -25.17 14.24
N MET B 332 14.14 -25.50 13.36
CA MET B 332 14.40 -25.80 11.94
C MET B 332 14.91 -24.50 11.28
N ASN B 333 14.21 -23.41 11.51
CA ASN B 333 14.59 -22.11 10.90
C ASN B 333 15.96 -21.67 11.45
N TYR B 334 16.19 -21.85 12.75
CA TYR B 334 17.46 -21.43 13.38
C TYR B 334 18.59 -22.26 12.78
N GLY B 335 18.34 -23.55 12.53
CA GLY B 335 19.33 -24.40 11.85
C GLY B 335 19.72 -23.86 10.48
N ILE B 336 18.74 -23.43 9.69
CA ILE B 336 19.00 -22.88 8.33
C ILE B 336 19.83 -21.60 8.49
N ILE B 337 19.49 -20.75 9.43
CA ILE B 337 20.16 -19.43 9.65
C ILE B 337 21.62 -19.71 10.08
N LYS B 338 21.80 -20.60 11.04
CA LYS B 338 23.15 -20.94 11.55
C LYS B 338 24.00 -21.53 10.44
N ASP B 339 23.46 -22.46 9.65
CA ASP B 339 24.18 -23.08 8.52
C ASP B 339 24.59 -22.01 7.50
N ALA B 340 23.72 -21.03 7.19
CA ALA B 340 23.99 -20.04 6.14
C ALA B 340 25.01 -19.02 6.63
N PHE B 341 24.74 -18.35 7.75
CA PHE B 341 25.66 -17.26 8.21
C PHE B 341 26.94 -17.90 8.76
N GLY B 342 26.90 -19.18 9.17
CA GLY B 342 28.06 -19.88 9.73
C GLY B 342 29.14 -20.09 8.69
N GLN B 343 28.81 -19.93 7.41
CA GLN B 343 29.79 -19.93 6.30
C GLN B 343 30.75 -18.74 6.41
N ILE B 344 30.42 -17.73 7.20
CA ILE B 344 31.33 -16.57 7.42
C ILE B 344 32.24 -16.91 8.59
N PRO B 345 33.58 -17.01 8.37
CA PRO B 345 34.50 -17.31 9.46
C PRO B 345 34.37 -16.23 10.54
N GLY B 346 34.33 -16.67 11.80
CA GLY B 346 34.34 -15.78 12.97
C GLY B 346 32.93 -15.51 13.48
N SER B 347 31.92 -16.00 12.76
CA SER B 347 30.52 -15.75 13.16
C SER B 347 30.23 -16.51 14.47
N ARG B 348 29.51 -15.89 15.39
CA ARG B 348 29.10 -16.50 16.68
C ARG B 348 27.61 -16.27 16.91
N PHE B 349 26.93 -17.34 17.32
CA PHE B 349 25.46 -17.37 17.44
C PHE B 349 25.10 -17.50 18.91
N GLN B 350 24.21 -16.64 19.34
CA GLN B 350 23.71 -16.68 20.68
C GLN B 350 22.20 -16.34 20.71
N THR B 351 21.45 -17.09 21.45
CA THR B 351 20.00 -16.95 21.62
C THR B 351 19.74 -16.03 22.82
N HIS B 352 18.55 -15.46 22.92
CA HIS B 352 18.13 -14.64 24.07
C HIS B 352 18.07 -15.47 25.37
N GLU B 353 18.05 -16.79 25.25
CA GLU B 353 18.08 -17.66 26.46
C GLU B 353 19.54 -17.92 26.86
N GLU B 354 20.51 -17.74 25.97
CA GLU B 354 21.92 -18.17 26.18
C GLU B 354 22.76 -17.03 26.79
N ARG B 355 22.38 -15.77 26.59
CA ARG B 355 23.27 -14.62 26.83
C ARG B 355 22.56 -13.53 27.62
N HIS B 356 23.11 -13.11 28.75
CA HIS B 356 22.45 -12.16 29.70
C HIS B 356 23.43 -11.13 30.25
N ASP B 357 24.64 -11.07 29.69
CA ASP B 357 25.71 -10.12 30.10
C ASP B 357 25.49 -8.76 29.46
N ARG B 358 26.30 -7.77 29.82
CA ARG B 358 26.16 -6.36 29.36
C ARG B 358 26.10 -6.34 27.82
N GLY B 359 26.84 -7.22 27.16
CA GLY B 359 26.89 -7.35 25.69
C GLY B 359 25.62 -7.94 25.09
N ALA B 360 24.70 -8.42 25.93
CA ALA B 360 23.40 -8.99 25.48
C ALA B 360 22.28 -7.98 25.72
N HIS B 361 22.55 -6.75 26.18
CA HIS B 361 21.50 -5.77 26.48
C HIS B 361 20.67 -5.53 25.22
N VAL B 362 21.33 -5.33 24.08
CA VAL B 362 20.63 -5.04 22.80
C VAL B 362 19.88 -6.29 22.40
N LEU B 363 20.49 -7.46 22.46
CA LEU B 363 19.80 -8.75 22.20
C LEU B 363 18.50 -8.80 22.99
N GLN B 364 18.52 -8.51 24.29
CA GLN B 364 17.31 -8.67 25.14
C GLN B 364 16.30 -7.58 24.77
N ASP B 365 16.76 -6.42 24.35
CA ASP B 365 15.88 -5.30 23.92
C ASP B 365 15.24 -5.65 22.58
N ARG B 366 16.00 -6.22 21.66
CA ARG B 366 15.41 -6.61 20.35
C ARG B 366 14.37 -7.70 20.61
N HIS B 367 14.60 -8.60 21.56
CA HIS B 367 13.63 -9.67 21.85
C HIS B 367 12.30 -9.06 22.31
N LYS B 368 12.33 -7.94 23.02
CA LYS B 368 11.10 -7.22 23.42
C LYS B 368 10.49 -6.62 22.16
N ILE B 369 11.24 -5.76 21.48
CA ILE B 369 10.72 -4.99 20.32
C ILE B 369 10.19 -5.94 19.25
N ASN B 370 10.89 -7.03 18.98
CA ASN B 370 10.52 -7.98 17.92
C ASN B 370 9.28 -8.79 18.35
N ASN B 371 8.88 -8.72 19.61
CA ASN B 371 7.63 -9.38 20.07
C ASN B 371 6.58 -8.33 20.44
N GLY B 372 6.71 -7.09 19.96
CA GLY B 372 5.70 -6.05 20.22
C GLY B 372 5.64 -5.61 21.67
N ILE B 373 6.75 -5.77 22.38
CA ILE B 373 6.85 -5.26 23.78
C ILE B 373 7.67 -3.98 23.72
N PRO B 374 7.03 -2.83 23.92
CA PRO B 374 7.70 -1.55 23.71
C PRO B 374 8.69 -1.29 24.84
N SER B 375 9.60 -0.38 24.56
CA SER B 375 10.81 -0.17 25.39
C SER B 375 11.31 1.26 25.22
N LEU B 376 12.10 1.75 26.18
CA LEU B 376 12.86 3.01 26.02
C LEU B 376 14.34 2.72 26.25
N SER B 377 14.75 1.46 26.29
CA SER B 377 16.17 1.10 26.55
C SER B 377 17.09 1.81 25.53
N GLU B 378 16.69 1.92 24.28
CA GLU B 378 17.55 2.52 23.21
C GLU B 378 17.87 3.99 23.53
N MET B 379 17.10 4.70 24.36
CA MET B 379 17.45 6.10 24.71
C MET B 379 18.83 6.15 25.42
N LYS B 380 19.35 5.02 25.90
CA LYS B 380 20.68 4.99 26.55
C LYS B 380 21.77 5.34 25.51
N LEU B 381 21.48 5.18 24.21
CA LEU B 381 22.34 5.72 23.12
C LEU B 381 22.70 7.18 23.39
N MET B 382 21.73 7.93 23.89
CA MET B 382 21.87 9.40 23.93
C MET B 382 22.72 9.84 25.14
N ASP B 383 23.26 8.88 25.90
CA ASP B 383 24.29 9.10 26.96
C ASP B 383 25.70 8.90 26.40
N TRP B 384 25.88 8.60 25.11
CA TRP B 384 27.21 8.30 24.52
C TRP B 384 28.19 9.46 24.76
N ILE B 385 27.73 10.70 24.61
CA ILE B 385 28.53 11.91 24.83
C ILE B 385 27.60 12.94 25.47
N PRO B 386 28.16 13.89 26.22
CA PRO B 386 27.30 14.92 26.78
C PRO B 386 26.57 15.73 25.73
N GLY B 387 25.31 15.94 26.01
CA GLY B 387 24.42 16.73 25.20
C GLY B 387 24.05 16.09 23.90
N ALA B 388 24.19 14.79 23.83
CA ALA B 388 23.95 14.09 22.61
C ALA B 388 22.60 14.24 21.96
N GLY B 389 22.62 14.57 20.71
CA GLY B 389 21.42 14.52 19.85
C GLY B 389 21.75 13.67 18.65
N HIS B 390 20.74 13.31 17.88
CA HIS B 390 20.97 12.62 16.59
C HIS B 390 20.08 13.24 15.54
N VAL B 391 20.54 13.15 14.30
CA VAL B 391 19.77 13.47 13.09
C VAL B 391 19.78 12.22 12.21
N GLY B 392 18.60 11.91 11.69
CA GLY B 392 18.34 10.75 10.83
C GLY B 392 19.04 10.89 9.49
N PHE B 393 19.75 9.85 9.10
CA PHE B 393 20.23 9.65 7.72
C PHE B 393 20.00 8.19 7.38
N SER B 394 19.24 7.90 6.33
CA SER B 394 18.73 6.52 6.13
C SER B 394 18.40 6.23 4.68
N PRO B 395 19.34 6.38 3.75
CA PRO B 395 19.02 6.18 2.35
C PRO B 395 18.71 4.71 2.05
N ILE B 396 18.00 4.52 0.96
CA ILE B 396 17.60 3.19 0.43
C ILE B 396 18.56 2.76 -0.67
N SER B 397 18.90 1.48 -0.65
CA SER B 397 19.80 0.87 -1.64
C SER B 397 19.37 -0.55 -1.93
N PRO B 398 19.93 -1.15 -2.99
CA PRO B 398 19.74 -2.57 -3.24
C PRO B 398 20.37 -3.34 -2.09
N PRO B 399 19.73 -4.45 -1.65
CA PRO B 399 20.24 -5.30 -0.56
C PRO B 399 21.32 -6.23 -1.13
N VAL B 400 22.41 -5.59 -1.53
CA VAL B 400 23.54 -6.24 -2.23
C VAL B 400 24.80 -5.84 -1.45
N GLY B 401 25.64 -6.82 -1.16
CA GLY B 401 26.86 -6.61 -0.34
C GLY B 401 27.77 -5.51 -0.90
N ARG B 402 27.95 -5.46 -2.21
CA ARG B 402 28.80 -4.42 -2.84
C ARG B 402 28.22 -3.02 -2.54
N ASP B 403 26.89 -2.88 -2.58
CA ASP B 403 26.25 -1.58 -2.25
C ASP B 403 26.43 -1.27 -0.77
N ALA B 404 26.30 -2.28 0.12
CA ALA B 404 26.50 -2.06 1.56
C ALA B 404 27.95 -1.56 1.77
N MET B 405 28.94 -2.26 1.23
CA MET B 405 30.35 -1.88 1.48
C MET B 405 30.60 -0.46 1.00
N LYS B 406 30.09 -0.11 -0.19
CA LYS B 406 30.33 1.22 -0.76
C LYS B 406 29.75 2.26 0.20
N GLN B 407 28.54 2.03 0.70
CA GLN B 407 27.90 2.99 1.63
C GLN B 407 28.63 3.07 2.98
N PHE B 408 28.98 1.93 3.54
CA PHE B 408 29.76 1.85 4.80
C PHE B 408 30.99 2.75 4.67
N ARG B 409 31.76 2.50 3.63
CA ARG B 409 33.02 3.25 3.41
C ARG B 409 32.71 4.74 3.18
N MET B 410 31.77 5.10 2.30
CA MET B 410 31.48 6.51 1.94
C MET B 410 31.07 7.30 3.18
N VAL B 411 30.17 6.73 3.98
CA VAL B 411 29.57 7.46 5.10
C VAL B 411 30.62 7.55 6.21
N ARG B 412 31.26 6.42 6.54
CA ARG B 412 32.24 6.45 7.65
C ARG B 412 33.37 7.43 7.31
N SER B 413 33.82 7.47 6.06
CA SER B 413 34.98 8.34 5.73
C SER B 413 34.56 9.81 5.89
N ARG B 414 33.34 10.19 5.50
CA ARG B 414 32.88 11.57 5.69
C ARG B 414 32.64 11.85 7.17
N ALA B 415 32.10 10.89 7.93
CA ALA B 415 31.88 11.09 9.37
C ALA B 415 33.23 11.41 10.02
N ASP B 416 34.27 10.62 9.74
CA ASP B 416 35.62 10.87 10.31
C ASP B 416 36.05 12.32 9.98
N GLU B 417 35.89 12.72 8.73
CA GLU B 417 36.31 14.05 8.24
C GLU B 417 35.56 15.15 9.01
N TYR B 418 34.27 14.94 9.34
CA TYR B 418 33.39 15.94 9.99
C TYR B 418 33.32 15.71 11.50
N ALA B 419 34.26 14.93 12.02
CA ALA B 419 34.47 14.70 13.48
C ALA B 419 33.20 14.12 14.12
N LYS B 420 32.53 13.16 13.48
CA LYS B 420 31.39 12.44 14.10
C LYS B 420 31.65 10.93 14.05
N ASP B 421 31.21 10.19 15.07
CA ASP B 421 31.40 8.73 15.13
C ASP B 421 30.49 8.07 14.08
N TYR B 422 30.94 6.98 13.53
CA TYR B 422 30.15 6.13 12.61
C TYR B 422 29.42 5.08 13.45
N ALA B 423 28.14 5.32 13.68
CA ALA B 423 27.23 4.40 14.39
C ALA B 423 26.10 4.16 13.40
N ALA B 424 25.92 2.93 12.95
CA ALA B 424 24.98 2.67 11.84
C ALA B 424 24.50 1.25 11.91
N GLN B 425 23.37 1.01 11.26
CA GLN B 425 22.94 -0.36 10.94
C GLN B 425 22.49 -0.46 9.50
N PHE B 426 22.58 -1.67 8.98
CA PHE B 426 21.92 -2.07 7.70
C PHE B 426 20.69 -2.89 8.03
N VAL B 427 19.57 -2.50 7.43
CA VAL B 427 18.26 -3.16 7.65
C VAL B 427 17.69 -3.53 6.30
N VAL B 428 17.19 -4.75 6.19
CA VAL B 428 16.51 -5.20 4.96
C VAL B 428 15.03 -5.37 5.29
N GLY B 429 14.17 -4.61 4.59
CA GLY B 429 12.72 -4.71 4.83
C GLY B 429 12.20 -5.98 4.19
N LEU B 430 12.20 -6.01 2.86
CA LEU B 430 11.95 -7.23 2.10
C LEU B 430 12.90 -7.30 0.92
N ARG B 431 12.83 -6.36 -0.03
CA ARG B 431 13.70 -6.28 -1.22
C ARG B 431 14.62 -5.07 -1.18
N GLU B 432 14.50 -4.25 -0.13
CA GLU B 432 15.21 -2.95 -0.03
C GLU B 432 16.08 -2.92 1.20
N MET B 433 17.21 -2.22 1.09
CA MET B 433 18.13 -2.02 2.22
C MET B 433 18.13 -0.55 2.65
N HIS B 434 18.17 -0.35 3.96
CA HIS B 434 18.32 0.94 4.62
C HIS B 434 19.72 0.95 5.24
N HIS B 435 20.43 2.05 5.09
CA HIS B 435 21.67 2.34 5.83
C HIS B 435 21.29 3.41 6.84
N ILE B 436 20.98 3.02 8.07
CA ILE B 436 20.45 3.98 9.07
C ILE B 436 21.63 4.40 9.95
N ALA B 437 22.15 5.60 9.71
CA ALA B 437 23.30 6.12 10.47
C ALA B 437 22.78 7.03 11.57
N LEU B 438 23.18 6.75 12.80
CA LEU B 438 22.86 7.62 13.94
C LEU B 438 24.04 8.56 14.12
N LEU B 439 23.91 9.75 13.53
CA LEU B 439 24.92 10.84 13.55
C LEU B 439 24.76 11.58 14.90
N LEU B 440 25.63 11.24 15.87
CA LEU B 440 25.53 11.75 17.26
C LEU B 440 26.39 13.02 17.35
N PHE B 441 25.84 14.04 17.98
CA PHE B 441 26.54 15.34 18.10
C PHE B 441 26.14 16.03 19.39
N ASP B 442 27.03 16.92 19.84
CA ASP B 442 26.74 17.73 21.04
C ASP B 442 25.77 18.86 20.67
N THR B 443 24.49 18.76 21.04
CA THR B 443 23.44 19.76 20.72
C THR B 443 23.74 21.12 21.36
N GLN B 444 24.60 21.15 22.39
CA GLN B 444 24.93 22.40 23.15
C GLN B 444 26.08 23.15 22.47
N ASP B 445 26.71 22.56 21.44
CA ASP B 445 27.92 23.12 20.80
C ASP B 445 27.55 23.59 19.39
N ALA B 446 27.46 24.91 19.17
CA ALA B 446 27.11 25.50 17.85
C ALA B 446 27.98 24.88 16.74
N THR B 447 29.27 24.67 16.97
CA THR B 447 30.19 24.16 15.93
C THR B 447 29.76 22.74 15.58
N ALA B 448 29.53 21.88 16.57
CA ALA B 448 29.09 20.48 16.39
C ALA B 448 27.75 20.45 15.64
N ARG B 449 26.81 21.32 16.00
CA ARG B 449 25.48 21.39 15.34
C ARG B 449 25.68 21.75 13.84
N ASN B 450 26.51 22.74 13.55
CA ASN B 450 26.77 23.20 12.16
C ASN B 450 27.51 22.10 11.39
N GLU B 451 28.52 21.47 12.00
CA GLU B 451 29.26 20.36 11.37
C GLU B 451 28.27 19.26 10.96
N THR B 452 27.34 18.96 11.86
CA THR B 452 26.38 17.84 11.68
C THR B 452 25.49 18.16 10.49
N LEU B 453 24.99 19.39 10.40
CA LEU B 453 24.14 19.78 9.25
C LEU B 453 24.99 19.64 7.99
N ALA B 454 26.20 20.22 7.98
CA ALA B 454 27.05 20.18 6.77
C ALA B 454 27.34 18.74 6.36
N LEU B 455 27.68 17.89 7.30
CA LEU B 455 27.98 16.47 7.03
C LEU B 455 26.73 15.85 6.38
N THR B 456 25.58 16.05 7.02
CA THR B 456 24.35 15.35 6.54
C THR B 456 24.01 15.85 5.14
N ARG B 457 24.19 17.13 4.83
CA ARG B 457 23.92 17.64 3.45
C ARG B 457 24.85 16.93 2.46
N LEU B 458 26.12 16.79 2.82
CA LEU B 458 27.11 16.12 1.97
C LEU B 458 26.71 14.64 1.81
N LEU B 459 26.34 13.95 2.91
CA LEU B 459 25.98 12.51 2.84
C LEU B 459 24.77 12.32 1.90
N ILE B 460 23.77 13.20 2.01
CA ILE B 460 22.56 13.14 1.14
C ILE B 460 22.98 13.29 -0.33
N ASP B 461 23.81 14.29 -0.64
CA ASP B 461 24.18 14.53 -2.04
C ASP B 461 25.01 13.36 -2.55
N GLU B 462 25.98 12.84 -1.77
CA GLU B 462 26.87 11.76 -2.25
C GLU B 462 26.05 10.48 -2.44
N ALA B 463 25.09 10.22 -1.56
CA ALA B 463 24.23 9.02 -1.68
C ALA B 463 23.37 9.16 -2.94
N ALA B 464 22.82 10.34 -3.15
CA ALA B 464 21.93 10.56 -4.32
C ALA B 464 22.74 10.34 -5.60
N ALA B 465 24.01 10.76 -5.61
CA ALA B 465 24.89 10.63 -6.79
C ALA B 465 25.17 9.16 -7.08
N GLU B 466 24.97 8.26 -6.14
CA GLU B 466 25.12 6.79 -6.37
C GLU B 466 23.76 6.13 -6.60
N GLY B 467 22.66 6.89 -6.59
CA GLY B 467 21.32 6.35 -6.85
C GLY B 467 20.63 5.93 -5.56
N TYR B 468 21.08 6.41 -4.40
CA TYR B 468 20.52 6.06 -3.06
C TYR B 468 19.77 7.26 -2.50
N GLY B 469 18.44 7.19 -2.54
CA GLY B 469 17.58 8.27 -2.05
C GLY B 469 17.27 8.14 -0.57
N GLU B 470 17.16 9.28 0.10
CA GLU B 470 16.71 9.36 1.49
C GLU B 470 15.21 9.07 1.58
N TYR B 471 14.85 8.31 2.61
CA TYR B 471 13.49 7.78 2.85
C TYR B 471 12.72 8.77 3.73
N ARG B 472 13.44 9.45 4.62
CA ARG B 472 12.81 10.24 5.70
C ARG B 472 13.87 11.22 6.20
N THR B 473 13.50 12.46 6.49
CA THR B 473 14.52 13.43 6.90
C THR B 473 13.99 14.49 7.84
N HIS B 474 14.96 15.19 8.44
CA HIS B 474 14.70 16.35 9.33
C HIS B 474 14.10 17.54 8.58
N ASN B 475 13.33 18.36 9.28
CA ASN B 475 12.86 19.71 8.84
C ASN B 475 13.96 20.46 8.05
N ALA B 476 15.17 20.51 8.58
CA ALA B 476 16.26 21.32 7.98
C ALA B 476 16.71 20.78 6.62
N LEU B 477 16.40 19.53 6.32
CA LEU B 477 16.92 18.81 5.14
C LEU B 477 15.81 18.52 4.14
N MET B 478 14.59 18.90 4.45
CA MET B 478 13.46 18.44 3.60
C MET B 478 13.56 19.04 2.20
N ASP B 479 13.93 20.32 2.06
CA ASP B 479 14.03 20.94 0.72
C ASP B 479 15.13 20.23 -0.08
N GLN B 480 16.26 19.97 0.54
CA GLN B 480 17.40 19.33 -0.17
C GLN B 480 16.93 17.92 -0.62
N VAL B 481 16.35 17.17 0.29
CA VAL B 481 16.00 15.77 -0.07
C VAL B 481 14.93 15.80 -1.16
N MET B 482 13.87 16.60 -1.04
CA MET B 482 12.90 16.61 -2.15
C MET B 482 13.59 17.05 -3.45
N GLY B 483 14.59 17.94 -3.33
CA GLY B 483 15.36 18.41 -4.51
C GLY B 483 16.13 17.28 -5.16
N THR B 484 16.46 16.19 -4.46
CA THR B 484 17.15 15.05 -5.08
C THR B 484 16.19 14.18 -5.91
N TYR B 485 14.88 14.27 -5.66
CA TYR B 485 13.88 13.43 -6.36
C TYR B 485 13.35 14.21 -7.56
N ASN B 486 14.27 14.67 -8.41
CA ASN B 486 13.98 15.69 -9.44
C ASN B 486 14.00 15.10 -10.84
N TRP B 487 13.74 13.81 -11.00
CA TRP B 487 13.49 13.22 -12.33
C TRP B 487 12.53 14.11 -13.11
N GLY B 488 12.79 14.25 -14.43
CA GLY B 488 11.87 14.98 -15.31
C GLY B 488 11.76 16.44 -14.91
N ASP B 489 12.90 17.07 -14.62
CA ASP B 489 12.90 18.51 -14.28
C ASP B 489 11.96 18.76 -13.07
N GLY B 490 12.08 17.95 -12.03
CA GLY B 490 11.36 18.23 -10.77
C GLY B 490 9.87 17.89 -10.87
N ALA B 491 9.50 16.88 -11.64
CA ALA B 491 8.09 16.58 -11.94
C ALA B 491 7.36 16.19 -10.64
N LEU B 492 8.00 15.44 -9.78
CA LEU B 492 7.27 14.91 -8.59
C LEU B 492 6.84 16.08 -7.70
N LEU B 493 7.75 17.00 -7.43
CA LEU B 493 7.39 18.17 -6.59
C LEU B 493 6.34 19.03 -7.28
N LYS B 494 6.42 19.19 -8.59
CA LYS B 494 5.41 19.99 -9.29
C LYS B 494 4.03 19.35 -9.07
N PHE B 495 3.96 18.04 -9.18
CA PHE B 495 2.70 17.29 -8.91
C PHE B 495 2.25 17.57 -7.49
N HIS B 496 3.14 17.44 -6.52
CA HIS B 496 2.76 17.65 -5.10
C HIS B 496 2.26 19.07 -4.87
N GLU B 497 2.88 20.04 -5.53
CA GLU B 497 2.50 21.46 -5.38
C GLU B 497 1.12 21.69 -5.96
N ALA B 498 0.82 21.06 -7.08
CA ALA B 498 -0.50 21.22 -7.71
C ALA B 498 -1.58 20.69 -6.74
N ILE B 499 -1.33 19.53 -6.16
CA ILE B 499 -2.33 18.96 -5.22
C ILE B 499 -2.41 19.84 -3.99
N LYS B 500 -1.26 20.28 -3.48
CA LYS B 500 -1.20 21.11 -2.26
C LYS B 500 -2.05 22.38 -2.46
N ASP B 501 -1.86 23.07 -3.56
CA ASP B 501 -2.57 24.35 -3.81
C ASP B 501 -4.07 24.08 -4.01
N ALA B 502 -4.42 22.96 -4.62
CA ALA B 502 -5.84 22.63 -4.87
C ALA B 502 -6.55 22.38 -3.54
N LEU B 503 -5.96 21.60 -2.66
CA LEU B 503 -6.63 21.22 -1.40
C LEU B 503 -6.49 22.35 -0.38
N ASP B 504 -5.40 23.13 -0.48
CA ASP B 504 -5.00 24.11 0.55
C ASP B 504 -4.79 25.46 -0.11
N PRO B 505 -5.84 26.06 -0.70
CA PRO B 505 -5.68 27.33 -1.41
C PRO B 505 -5.13 28.46 -0.54
N ASN B 506 -5.36 28.41 0.78
CA ASN B 506 -4.90 29.47 1.71
C ASN B 506 -3.55 29.12 2.32
N GLY B 507 -2.96 27.97 1.95
CA GLY B 507 -1.60 27.63 2.37
C GLY B 507 -1.46 27.53 3.86
N ILE B 508 -2.30 26.72 4.50
CA ILE B 508 -2.38 26.58 5.98
C ILE B 508 -1.56 25.40 6.51
N ILE B 509 -1.71 24.19 5.97
CA ILE B 509 -1.24 22.98 6.70
C ILE B 509 0.26 22.76 6.48
N ALA B 510 0.98 22.62 7.61
CA ALA B 510 2.42 22.32 7.73
C ALA B 510 3.19 22.69 6.46
N PRO B 511 3.26 23.99 6.13
CA PRO B 511 3.92 24.41 4.93
C PRO B 511 5.36 23.93 4.92
N GLY B 512 5.83 23.42 3.76
CA GLY B 512 7.22 22.97 3.62
C GLY B 512 7.47 21.55 4.05
N LYS B 513 6.52 20.85 4.67
CA LYS B 513 6.67 19.41 4.94
C LYS B 513 7.07 18.69 3.64
N SER B 514 8.12 17.89 3.71
CA SER B 514 8.63 17.10 2.56
C SER B 514 9.04 18.01 1.39
N GLY B 515 9.34 19.28 1.67
CA GLY B 515 9.73 20.21 0.59
C GLY B 515 8.55 20.76 -0.18
N VAL B 516 7.32 20.47 0.25
CA VAL B 516 6.11 20.90 -0.50
C VAL B 516 5.55 22.16 0.15
N TRP B 517 5.70 23.27 -0.53
CA TRP B 517 5.27 24.59 -0.03
C TRP B 517 4.03 24.98 -0.80
N PRO B 518 3.00 25.48 -0.10
CA PRO B 518 1.89 26.12 -0.79
C PRO B 518 2.40 27.42 -1.44
N ALA B 519 1.66 27.93 -2.41
CA ALA B 519 2.06 29.08 -3.25
C ALA B 519 2.47 30.28 -2.37
N ARG B 520 1.78 30.59 -1.26
CA ARG B 520 2.07 31.86 -0.54
C ARG B 520 3.44 31.80 0.14
N TYR B 521 4.02 30.61 0.37
CA TYR B 521 5.32 30.47 1.08
C TYR B 521 6.41 29.93 0.19
N ARG B 522 6.09 29.60 -1.06
CA ARG B 522 7.04 28.89 -1.95
C ARG B 522 8.07 29.90 -2.44
N GLY B 523 9.31 29.46 -2.50
CA GLY B 523 10.42 30.24 -3.06
C GLY B 523 10.81 31.41 -2.16
N LYS B 524 10.46 31.39 -0.89
CA LYS B 524 10.85 32.47 0.04
C LYS B 524 12.10 32.05 0.85
N GLY B 525 12.62 30.84 0.66
CA GLY B 525 13.73 30.36 1.49
C GLY B 525 13.33 30.33 2.96
N LEU B 526 12.01 30.11 3.17
CA LEU B 526 11.20 30.13 4.43
C LEU B 526 10.42 31.43 4.62
#